data_4ZL4
#
_entry.id   4ZL4
#
_cell.length_a   91.994
_cell.length_b   203.089
_cell.length_c   82.165
_cell.angle_alpha   90.00
_cell.angle_beta   121.07
_cell.angle_gamma   90.00
#
_symmetry.space_group_name_H-M   'C 1 2 1'
#
loop_
_entity.id
_entity.type
_entity.pdbx_description
1 polymer 'Aspartic protease PM5'
2 non-polymer N-[(benzyloxy)carbonyl]-O-carbamimidamido-L-homoseryl-N-{(3S,4S)-3-hydroxy-6-methyl-1-oxo-1-[(2-phenylethyl)amino]heptan-4-yl}-L-valinamide
3 non-polymer 'SULFATE ION'
4 non-polymer 1,2-ETHANEDIOL
5 non-polymer (2R)-1-[(2R)-2-(2-methoxyethoxy)propoxy]propan-2-amine
6 water water
#
_entity_poly.entity_id   1
_entity_poly.type   'polypeptide(L)'
_entity_poly.pdbx_seq_one_letter_code
;GTRSESTEGHSKDLLYKYKLYGDIDEYAYYFLDIDIGTPEQRISLILDTGSSSLSFPCAGCKNCGVHMENPFNLNNSKTS
SILYCENEECPFKLNCVKGKCEYMQSYCEGSQISGFYFSDVVSVVSYNNERVTFRKLMGCHMHEESLFLYQQATGVLGMS
LSKPQGIPTFVNLLFDNAPQLKQVFTICISENGGELIAGGYDPAYIVRRGGSKSVSGQGSGPVSESLSESGEDPQVALRE
AEKVVWENVTRKYYYYIKVRGLDMFGTNMMSSSKGLEMLVDSGSTFTHIPEDLYNKLNYFFDILCIQDMNNAYDVNKRLK
MTNESFNNPLVQFDDFRKSLKSIIAKENMCVKIVDGVQCWKYLEGLPDLFVTLSNNYKMKWQPHSYLYKKESFWCKGIEK
QVNNKPILGLTFFKNRQVIFDIQKNRIGFVDANCPSHPTHTRPR
;
_entity_poly.pdbx_strand_id   A,B
#
loop_
_chem_comp.id
_chem_comp.type
_chem_comp.name
_chem_comp.formula
4PF non-polymer (2R)-1-[(2R)-2-(2-methoxyethoxy)propoxy]propan-2-amine 'C9 H21 N O3'
4PK peptide-like N-[(benzyloxy)carbonyl]-O-carbamimidamido-L-homoseryl-N-{(3S,4S)-3-hydroxy-6-methyl-1-oxo-1-[(2-phenylethyl)amino]heptan-4-yl}-L-valinamide 'C34 H51 N7 O7'
EDO non-polymer 1,2-ETHANEDIOL 'C2 H6 O2'
SO4 non-polymer 'SULFATE ION' 'O4 S -2'
#
# COMPACT_ATOMS: atom_id res chain seq x y z
N LYS A 12 20.74 -15.37 -9.96
CA LYS A 12 20.53 -14.27 -10.88
C LYS A 12 19.42 -13.38 -10.34
N ASP A 13 18.94 -13.71 -9.14
CA ASP A 13 17.88 -12.94 -8.48
C ASP A 13 18.37 -11.56 -8.07
N LEU A 14 17.48 -10.60 -8.17
CA LEU A 14 17.74 -9.26 -7.68
C LEU A 14 17.68 -9.26 -6.16
N LEU A 15 18.76 -8.83 -5.51
CA LEU A 15 18.84 -8.83 -4.03
C LEU A 15 19.02 -7.42 -3.47
N TYR A 16 18.13 -7.00 -2.57
CA TYR A 16 18.33 -5.74 -1.83
C TYR A 16 18.85 -6.10 -0.45
N LYS A 17 20.00 -5.51 -0.07
CA LYS A 17 20.69 -5.85 1.18
C LYS A 17 20.67 -4.71 2.19
N TYR A 18 20.36 -5.04 3.44
CA TYR A 18 20.28 -4.05 4.52
C TYR A 18 21.22 -4.43 5.67
N LYS A 19 21.97 -3.46 6.20
CA LYS A 19 22.85 -3.70 7.34
C LYS A 19 22.10 -3.96 8.64
N LEU A 20 22.48 -5.01 9.34
CA LEU A 20 21.98 -5.23 10.70
C LEU A 20 23.10 -4.99 11.71
N TYR A 21 22.73 -4.43 12.86
CA TYR A 21 23.67 -4.25 13.96
C TYR A 21 23.12 -5.01 15.16
N GLY A 22 24.02 -5.39 16.06
CA GLY A 22 23.57 -6.01 17.29
C GLY A 22 24.40 -7.21 17.70
N ASP A 23 24.01 -7.85 18.80
CA ASP A 23 24.67 -9.04 19.30
C ASP A 23 23.82 -9.68 20.37
N ILE A 24 24.22 -10.86 20.78
CA ILE A 24 23.40 -11.58 21.74
C ILE A 24 23.63 -11.09 23.17
N ASP A 25 24.88 -10.89 23.58
CA ASP A 25 25.17 -10.51 24.97
C ASP A 25 24.78 -9.10 25.41
N GLU A 26 24.99 -8.09 24.57
CA GLU A 26 24.87 -6.68 24.98
C GLU A 26 23.56 -6.01 24.56
N TYR A 27 23.16 -6.18 23.32
CA TYR A 27 21.84 -5.75 22.85
C TYR A 27 20.75 -6.78 23.13
N ALA A 28 21.10 -8.06 22.88
CA ALA A 28 20.18 -9.19 22.94
C ALA A 28 19.13 -9.14 21.82
N TYR A 29 19.41 -8.35 20.79
CA TYR A 29 18.60 -8.32 19.57
C TYR A 29 19.51 -7.82 18.44
N TYR A 30 18.94 -7.76 17.25
CA TYR A 30 19.62 -7.22 16.08
C TYR A 30 18.70 -6.21 15.48
N PHE A 31 19.24 -5.08 15.07
CA PHE A 31 18.39 -4.01 14.60
C PHE A 31 18.87 -3.38 13.29
N LEU A 32 17.98 -2.62 12.66
CA LEU A 32 18.31 -1.88 11.45
C LEU A 32 17.65 -0.51 11.43
N ASP A 33 18.10 0.34 10.52
CA ASP A 33 17.51 1.66 10.38
C ASP A 33 16.56 1.74 9.21
N ILE A 34 15.49 2.50 9.41
CA ILE A 34 14.48 2.76 8.39
C ILE A 34 14.06 4.24 8.43
N ASP A 35 13.64 4.76 7.28
CA ASP A 35 13.17 6.14 7.20
C ASP A 35 11.67 6.20 7.27
N ILE A 36 11.17 7.15 8.05
CA ILE A 36 9.75 7.30 8.25
C ILE A 36 9.35 8.77 8.23
N GLY A 37 8.31 9.09 7.48
CA GLY A 37 7.80 10.45 7.44
C GLY A 37 8.40 11.30 6.32
N THR A 38 8.01 12.56 6.30
CA THR A 38 8.42 13.50 5.28
C THR A 38 8.63 14.85 5.95
N PRO A 39 9.88 15.30 6.09
CA PRO A 39 11.11 14.63 5.62
C PRO A 39 11.46 13.40 6.46
N GLU A 40 12.35 12.58 5.95
CA GLU A 40 12.62 11.30 6.56
C GLU A 40 13.14 11.43 7.98
N GLN A 41 12.67 10.55 8.85
CA GLN A 41 13.27 10.42 10.18
C GLN A 41 13.85 9.03 10.33
N ARG A 42 15.15 8.96 10.58
CA ARG A 42 15.83 7.67 10.76
C ARG A 42 15.37 7.05 12.06
N ILE A 43 14.95 5.79 11.99
CA ILE A 43 14.51 5.11 13.20
C ILE A 43 15.09 3.69 13.23
N SER A 44 15.68 3.33 14.37
CA SER A 44 16.22 2.01 14.62
C SER A 44 15.13 1.08 15.15
N LEU A 45 15.06 -0.12 14.58
CA LEU A 45 14.00 -1.06 14.87
C LEU A 45 14.56 -2.46 15.12
N ILE A 46 14.07 -3.12 16.16
CA ILE A 46 14.41 -4.50 16.41
C ILE A 46 13.82 -5.39 15.30
N LEU A 47 14.66 -6.21 14.69
CA LEU A 47 14.21 -7.03 13.58
C LEU A 47 13.54 -8.26 14.15
N ASP A 48 12.22 -8.35 13.98
CA ASP A 48 11.43 -9.34 14.72
C ASP A 48 10.47 -10.17 13.88
N THR A 49 10.90 -11.37 13.51
CA THR A 49 10.05 -12.20 12.69
C THR A 49 8.95 -12.86 13.54
N GLY A 50 8.88 -12.51 14.82
CA GLY A 50 7.88 -13.07 15.73
C GLY A 50 6.72 -12.15 16.06
N SER A 51 6.65 -10.98 15.42
CA SER A 51 5.47 -10.10 15.56
C SER A 51 5.11 -9.43 14.24
N SER A 52 3.99 -8.72 14.19
CA SER A 52 3.46 -8.26 12.90
C SER A 52 3.48 -6.74 12.72
N SER A 53 3.73 -6.01 13.80
CA SER A 53 3.60 -4.57 13.77
C SER A 53 4.88 -3.84 13.42
N LEU A 54 4.74 -2.55 13.16
CA LEU A 54 5.83 -1.62 13.08
C LEU A 54 5.49 -0.48 14.02
N SER A 55 6.29 -0.29 15.07
CA SER A 55 5.91 0.69 16.09
C SER A 55 7.07 1.26 16.88
N PHE A 56 6.80 2.36 17.56
CA PHE A 56 7.83 3.12 18.28
C PHE A 56 7.19 4.26 19.05
N PRO A 57 7.91 4.81 20.02
CA PRO A 57 7.37 5.99 20.70
C PRO A 57 7.09 7.13 19.73
N CYS A 58 6.13 7.97 20.05
CA CYS A 58 5.97 9.21 19.31
C CYS A 58 5.98 10.38 20.29
N ALA A 59 6.23 11.59 19.79
CA ALA A 59 6.58 12.77 20.59
C ALA A 59 5.62 13.13 21.74
N GLY A 60 4.38 12.67 21.69
CA GLY A 60 3.49 13.00 22.80
C GLY A 60 3.87 12.23 24.05
N CYS A 61 4.67 11.18 23.86
CA CYS A 61 4.92 10.17 24.89
C CYS A 61 5.49 10.72 26.19
N LYS A 62 4.85 10.35 27.31
CA LYS A 62 5.31 10.80 28.62
C LYS A 62 5.64 9.60 29.51
N ASN A 63 5.40 8.41 28.98
CA ASN A 63 5.66 7.17 29.70
C ASN A 63 6.43 6.15 28.86
N CYS A 64 7.52 6.59 28.21
CA CYS A 64 8.35 5.67 27.40
C CYS A 64 9.80 5.63 27.86
N GLY A 65 10.58 4.78 27.22
CA GLY A 65 11.99 4.64 27.53
C GLY A 65 12.82 5.56 26.66
N VAL A 66 14.05 5.82 27.07
CA VAL A 66 15.01 6.59 26.28
C VAL A 66 15.66 5.65 25.26
N HIS A 67 15.79 6.09 24.00
CA HIS A 67 16.39 5.24 22.97
C HIS A 67 17.45 5.99 22.15
N MET A 68 18.07 5.33 21.17
CA MET A 68 19.02 5.97 20.26
C MET A 68 18.51 7.23 19.61
N GLU A 69 17.24 7.23 19.25
CA GLU A 69 16.63 8.39 18.58
C GLU A 69 15.51 8.96 19.44
N ASN A 70 15.22 10.24 19.24
CA ASN A 70 14.06 10.85 19.87
C ASN A 70 12.80 10.16 19.36
N PRO A 71 11.72 10.19 20.15
CA PRO A 71 10.44 9.63 19.70
C PRO A 71 10.04 10.22 18.34
N PHE A 72 9.37 9.46 17.49
CA PHE A 72 9.01 9.96 16.17
C PHE A 72 8.10 11.18 16.29
N ASN A 73 8.46 12.26 15.60
CA ASN A 73 7.70 13.50 15.76
C ASN A 73 6.67 13.66 14.65
N LEU A 74 5.40 13.41 15.00
CA LEU A 74 4.29 13.44 14.04
C LEU A 74 4.04 14.82 13.49
N ASN A 75 4.20 15.84 14.31
CA ASN A 75 3.87 17.19 13.84
C ASN A 75 4.86 17.62 12.76
N ASN A 76 6.05 17.02 12.76
CA ASN A 76 7.11 17.35 11.82
C ASN A 76 7.07 16.54 10.52
N SER A 77 6.22 15.53 10.47
CA SER A 77 6.02 14.78 9.22
C SER A 77 4.78 15.28 8.48
N LYS A 78 5.00 15.87 7.30
CA LYS A 78 3.91 16.47 6.51
C LYS A 78 2.93 15.42 6.02
N THR A 79 3.33 14.17 6.07
CA THR A 79 2.52 13.08 5.57
C THR A 79 1.95 12.17 6.67
N SER A 80 2.17 12.51 7.94
CA SER A 80 1.63 11.67 9.02
C SER A 80 0.11 11.81 9.19
N SER A 81 -0.54 10.71 9.55
CA SER A 81 -1.99 10.73 9.71
C SER A 81 -2.48 9.80 10.82
N ILE A 82 -2.85 10.37 11.96
CA ILE A 82 -3.39 9.60 13.09
C ILE A 82 -4.74 8.96 12.73
N LEU A 83 -4.94 7.70 13.10
CA LEU A 83 -6.19 7.02 12.76
C LEU A 83 -7.26 7.27 13.84
N TYR A 84 -8.27 8.08 13.51
CA TYR A 84 -9.31 8.48 14.46
C TYR A 84 -10.56 7.60 14.36
N CYS A 85 -11.42 7.66 15.38
CA CYS A 85 -12.61 6.83 15.41
C CYS A 85 -13.67 7.45 16.29
N GLU A 86 -14.66 6.63 16.64
CA GLU A 86 -15.76 7.04 17.52
CA GLU A 86 -15.79 7.02 17.49
C GLU A 86 -16.55 8.24 16.94
N ASN A 87 -16.24 8.57 15.69
CA ASN A 87 -17.12 9.37 14.87
C ASN A 87 -17.16 8.58 13.56
N GLU A 88 -16.28 7.56 13.52
CA GLU A 88 -16.24 6.52 12.49
C GLU A 88 -15.83 5.22 13.19
N GLU A 89 -15.82 4.12 12.45
CA GLU A 89 -15.49 2.82 13.01
C GLU A 89 -14.01 2.54 12.85
N CYS A 90 -13.43 1.78 13.77
CA CYS A 90 -12.05 1.34 13.65
C CYS A 90 -11.94 0.11 12.77
N PRO A 91 -11.31 0.27 11.61
CA PRO A 91 -10.99 -0.85 10.72
C PRO A 91 -10.14 -1.89 11.43
N PHE A 92 -10.13 -3.11 10.92
CA PHE A 92 -9.29 -4.17 11.45
C PHE A 92 -9.67 -4.56 12.87
N LYS A 93 -10.91 -4.27 13.26
CA LYS A 93 -11.41 -4.66 14.58
C LYS A 93 -10.57 -4.12 15.74
N LEU A 94 -10.06 -2.91 15.60
CA LEU A 94 -9.24 -2.31 16.63
C LEU A 94 -10.13 -1.63 17.65
N ASN A 95 -9.62 -1.49 18.87
CA ASN A 95 -10.33 -0.72 19.87
C ASN A 95 -10.26 0.77 19.60
N CYS A 96 -11.26 1.47 20.10
CA CYS A 96 -11.29 2.91 20.02
C CYS A 96 -11.25 3.54 21.42
N VAL A 97 -10.09 4.09 21.80
CA VAL A 97 -10.00 4.72 23.11
C VAL A 97 -9.55 6.17 22.98
N LYS A 98 -10.34 7.04 23.62
CA LYS A 98 -10.18 8.48 23.56
C LYS A 98 -10.07 8.98 22.12
N GLY A 99 -10.91 8.44 21.26
CA GLY A 99 -11.03 8.92 19.90
C GLY A 99 -10.01 8.43 18.89
N LYS A 100 -9.02 7.64 19.33
CA LYS A 100 -8.01 7.11 18.41
C LYS A 100 -8.09 5.59 18.35
N CYS A 101 -7.70 5.00 17.23
CA CYS A 101 -7.65 3.55 17.12
C CYS A 101 -6.45 3.06 17.93
N GLU A 102 -6.73 2.19 18.88
CA GLU A 102 -5.72 1.80 19.87
C GLU A 102 -4.68 0.82 19.34
N TYR A 103 -3.40 1.15 19.52
CA TYR A 103 -2.35 0.16 19.32
C TYR A 103 -2.09 -0.55 20.65
N MET A 104 -2.01 -1.88 20.63
CA MET A 104 -1.58 -2.63 21.81
C MET A 104 -0.96 -3.98 21.45
N GLN A 105 0.06 -4.36 22.23
CA GLN A 105 0.80 -5.59 22.00
C GLN A 105 1.30 -6.16 23.30
N SER A 106 0.96 -7.44 23.54
CA SER A 106 1.59 -8.21 24.60
C SER A 106 2.65 -9.11 23.98
N TYR A 107 3.85 -9.05 24.52
CA TYR A 107 4.92 -9.90 24.05
C TYR A 107 5.16 -11.04 25.02
N CYS A 108 5.73 -12.13 24.51
CA CYS A 108 6.01 -13.31 25.32
C CYS A 108 6.90 -13.03 26.53
N GLU A 109 7.85 -12.11 26.36
CA GLU A 109 8.77 -11.75 27.44
C GLU A 109 8.04 -11.11 28.61
N GLY A 110 6.84 -10.56 28.38
CA GLY A 110 6.02 -9.98 29.45
C GLY A 110 5.69 -8.49 29.29
N SER A 111 6.27 -7.87 28.27
CA SER A 111 6.04 -6.47 27.99
C SER A 111 4.63 -6.20 27.47
N GLN A 112 3.97 -5.18 28.03
CA GLN A 112 2.71 -4.67 27.49
C GLN A 112 2.94 -3.27 26.94
N ILE A 113 2.79 -3.11 25.63
CA ILE A 113 2.96 -1.83 24.98
C ILE A 113 1.63 -1.35 24.40
N SER A 114 1.25 -0.13 24.71
CA SER A 114 0.00 0.41 24.20
C SER A 114 0.19 1.81 23.62
N GLY A 115 -0.74 2.23 22.77
CA GLY A 115 -0.75 3.58 22.24
C GLY A 115 -1.82 3.75 21.19
N PHE A 116 -1.52 4.51 20.14
CA PHE A 116 -2.46 4.70 19.05
C PHE A 116 -1.82 4.48 17.69
N TYR A 117 -2.65 4.22 16.69
CA TYR A 117 -2.20 3.97 15.35
C TYR A 117 -2.14 5.25 14.51
N PHE A 118 -1.20 5.30 13.59
CA PHE A 118 -1.15 6.33 12.58
C PHE A 118 -0.50 5.72 11.36
N SER A 119 -0.69 6.34 10.19
CA SER A 119 0.04 5.97 8.99
C SER A 119 0.91 7.12 8.51
N ASP A 120 1.98 6.75 7.81
CA ASP A 120 2.94 7.67 7.26
C ASP A 120 3.75 6.92 6.20
N VAL A 121 4.57 7.65 5.46
CA VAL A 121 5.42 7.02 4.48
C VAL A 121 6.60 6.30 5.14
N VAL A 122 6.81 5.07 4.70
CA VAL A 122 8.00 4.33 5.08
C VAL A 122 8.93 4.27 3.87
N SER A 123 10.21 4.59 4.04
CA SER A 123 11.20 4.46 2.98
C SER A 123 12.25 3.43 3.39
N VAL A 124 12.35 2.35 2.63
CA VAL A 124 13.37 1.36 2.89
C VAL A 124 14.47 1.51 1.85
N VAL A 125 15.68 1.75 2.31
CA VAL A 125 16.77 1.98 1.38
C VAL A 125 17.88 1.01 1.67
N SER A 126 18.30 0.26 0.65
CA SER A 126 19.41 -0.68 0.80
C SER A 126 20.68 0.13 0.92
N TYR A 127 21.77 -0.53 1.33
CA TYR A 127 23.03 0.21 1.40
C TYR A 127 23.70 0.29 0.02
N ASN A 128 23.02 -0.22 -0.99
CA ASN A 128 23.40 0.04 -2.38
C ASN A 128 22.41 1.03 -3.01
N ASN A 129 21.76 1.78 -2.13
CA ASN A 129 20.91 2.89 -2.54
C ASN A 129 19.71 2.46 -3.38
N GLU A 130 19.17 1.29 -3.09
CA GLU A 130 17.94 0.85 -3.76
C GLU A 130 16.75 1.09 -2.83
N ARG A 131 15.85 1.97 -3.29
CA ARG A 131 14.78 2.50 -2.47
C ARG A 131 13.41 1.92 -2.77
N VAL A 132 12.70 1.50 -1.74
CA VAL A 132 11.30 1.10 -1.87
C VAL A 132 10.51 1.90 -0.84
N THR A 133 9.37 2.46 -1.27
CA THR A 133 8.64 3.43 -0.47
C THR A 133 7.17 3.13 -0.48
N PHE A 134 6.54 3.23 0.69
CA PHE A 134 5.12 2.95 0.81
C PHE A 134 4.60 3.46 2.14
N ARG A 135 3.28 3.63 2.21
CA ARG A 135 2.63 4.00 3.45
C ARG A 135 2.35 2.77 4.27
N LYS A 136 2.53 2.87 5.58
CA LYS A 136 2.15 1.80 6.47
C LYS A 136 1.39 2.32 7.68
N LEU A 137 0.46 1.50 8.18
CA LEU A 137 -0.23 1.77 9.43
C LEU A 137 0.66 1.35 10.57
N MET A 138 1.11 2.31 11.37
CA MET A 138 2.11 2.05 12.42
C MET A 138 1.60 2.45 13.80
N GLY A 139 2.22 1.91 14.85
CA GLY A 139 1.81 2.23 16.20
C GLY A 139 2.69 3.24 16.88
N CYS A 140 2.07 4.24 17.49
CA CYS A 140 2.79 5.10 18.41
C CYS A 140 2.75 4.52 19.83
N HIS A 141 3.92 4.26 20.42
CA HIS A 141 3.97 3.88 21.84
C HIS A 141 3.65 5.11 22.70
N MET A 142 2.64 5.00 23.56
CA MET A 142 2.39 6.03 24.55
C MET A 142 2.70 5.47 25.94
N HIS A 143 2.83 4.15 26.03
N HIS A 143 2.87 4.15 26.01
CA HIS A 143 3.20 3.48 27.28
CA HIS A 143 3.20 3.48 27.25
C HIS A 143 4.14 2.34 26.97
C HIS A 143 4.15 2.34 26.95
N GLU A 144 5.33 2.36 27.57
CA GLU A 144 6.30 1.28 27.43
C GLU A 144 6.62 0.67 28.80
N GLU A 145 7.34 -0.44 28.81
CA GLU A 145 7.36 -1.30 30.00
C GLU A 145 8.59 -2.19 30.07
N SER A 146 9.06 -2.44 31.28
CA SER A 146 10.05 -3.49 31.53
C SER A 146 11.30 -3.37 30.65
N LEU A 147 11.57 -4.39 29.85
CA LEU A 147 12.73 -4.39 28.98
C LEU A 147 12.77 -3.20 28.02
N PHE A 148 11.61 -2.68 27.61
CA PHE A 148 11.57 -1.53 26.70
C PHE A 148 12.13 -0.27 27.35
N LEU A 149 12.12 -0.22 28.69
CA LEU A 149 12.71 0.91 29.41
C LEU A 149 14.23 0.82 29.51
N TYR A 150 14.82 -0.21 28.92
CA TYR A 150 16.26 -0.39 28.97
C TYR A 150 16.76 -0.88 27.64
N GLN A 151 16.37 -0.18 26.58
CA GLN A 151 16.60 -0.65 25.25
C GLN A 151 17.07 0.46 24.34
N GLN A 152 18.20 0.25 23.68
CA GLN A 152 18.77 1.24 22.79
C GLN A 152 17.92 1.43 21.54
N ALA A 153 17.47 0.33 20.94
CA ALA A 153 16.69 0.42 19.70
C ALA A 153 15.39 1.19 19.98
N THR A 154 14.96 1.98 19.01
CA THR A 154 13.84 2.90 19.22
C THR A 154 12.50 2.19 19.14
N GLY A 155 12.37 1.25 18.21
CA GLY A 155 11.13 0.49 18.07
C GLY A 155 11.30 -0.94 17.61
N VAL A 156 10.21 -1.53 17.14
CA VAL A 156 10.18 -2.94 16.74
C VAL A 156 9.62 -3.12 15.32
N LEU A 157 10.33 -3.90 14.50
CA LEU A 157 9.88 -4.17 13.14
C LEU A 157 9.46 -5.61 13.02
N GLY A 158 8.16 -5.85 13.11
CA GLY A 158 7.62 -7.18 12.92
C GLY A 158 7.68 -7.62 11.46
N MET A 159 8.07 -8.89 11.24
CA MET A 159 8.28 -9.38 9.88
C MET A 159 7.30 -10.47 9.45
N SER A 160 6.24 -10.67 10.22
CA SER A 160 5.31 -11.74 9.85
C SER A 160 4.28 -11.25 8.81
N LEU A 161 3.38 -12.13 8.41
CA LEU A 161 2.59 -11.87 7.20
C LEU A 161 1.21 -11.32 7.52
N SER A 162 0.63 -10.68 6.51
CA SER A 162 -0.68 -10.05 6.60
C SER A 162 -1.80 -11.08 6.63
N LYS A 163 -2.79 -10.87 7.47
CA LYS A 163 -3.98 -11.71 7.46
C LYS A 163 -5.00 -11.07 6.54
N PRO A 164 -5.92 -11.89 5.98
CA PRO A 164 -6.89 -11.42 4.98
C PRO A 164 -7.63 -10.10 5.31
N GLN A 165 -8.18 -9.94 6.50
CA GLN A 165 -8.79 -8.65 6.83
C GLN A 165 -7.98 -7.92 7.89
N GLY A 166 -6.67 -8.15 7.88
CA GLY A 166 -5.82 -7.59 8.90
C GLY A 166 -4.99 -6.44 8.38
N ILE A 167 -4.21 -5.84 9.27
CA ILE A 167 -3.36 -4.73 8.90
C ILE A 167 -2.28 -5.21 7.95
N PRO A 168 -2.13 -4.57 6.78
CA PRO A 168 -1.00 -4.93 5.92
C PRO A 168 0.35 -4.68 6.60
N THR A 169 1.17 -5.72 6.66
CA THR A 169 2.42 -5.68 7.38
C THR A 169 3.54 -5.24 6.49
N PHE A 170 4.65 -4.85 7.13
CA PHE A 170 5.82 -4.33 6.45
C PHE A 170 6.31 -5.24 5.31
N VAL A 171 6.33 -6.54 5.55
CA VAL A 171 6.92 -7.46 4.58
C VAL A 171 6.08 -7.58 3.31
N ASN A 172 4.77 -7.74 3.48
CA ASN A 172 3.86 -7.81 2.33
C ASN A 172 3.86 -6.49 1.57
N LEU A 173 3.86 -5.37 2.29
CA LEU A 173 3.93 -4.05 1.65
C LEU A 173 5.23 -3.83 0.88
N LEU A 174 6.35 -4.25 1.47
CA LEU A 174 7.63 -4.12 0.81
C LEU A 174 7.58 -4.82 -0.53
N PHE A 175 7.09 -6.06 -0.54
CA PHE A 175 7.11 -6.81 -1.80
C PHE A 175 6.04 -6.33 -2.79
N ASP A 176 4.88 -5.89 -2.29
CA ASP A 176 3.83 -5.36 -3.15
C ASP A 176 4.37 -4.15 -3.89
N ASN A 177 5.19 -3.35 -3.22
CA ASN A 177 5.73 -2.15 -3.85
C ASN A 177 7.09 -2.39 -4.47
N ALA A 178 7.54 -3.64 -4.47
CA ALA A 178 8.77 -3.99 -5.17
C ALA A 178 8.64 -5.26 -6.00
N PRO A 179 7.80 -5.22 -7.06
CA PRO A 179 7.57 -6.40 -7.91
C PRO A 179 8.82 -6.90 -8.62
N GLN A 180 9.88 -6.09 -8.69
CA GLN A 180 11.13 -6.55 -9.31
C GLN A 180 11.86 -7.56 -8.39
N LEU A 181 11.34 -7.78 -7.19
CA LEU A 181 11.92 -8.75 -6.24
C LEU A 181 11.05 -10.00 -6.10
N LYS A 182 11.69 -11.16 -5.96
CA LYS A 182 10.98 -12.35 -5.53
C LYS A 182 10.63 -12.21 -4.05
N GLN A 183 9.52 -12.81 -3.64
CA GLN A 183 9.03 -12.68 -2.27
C GLN A 183 9.77 -13.61 -1.34
N VAL A 184 11.02 -13.27 -1.08
CA VAL A 184 11.86 -14.04 -0.20
C VAL A 184 12.70 -13.05 0.57
N PHE A 185 12.74 -13.20 1.88
CA PHE A 185 13.73 -12.47 2.66
C PHE A 185 14.57 -13.42 3.51
N THR A 186 15.82 -13.03 3.63
CA THR A 186 16.81 -13.83 4.29
C THR A 186 17.43 -13.04 5.40
N ILE A 187 17.52 -13.67 6.56
CA ILE A 187 18.24 -13.10 7.66
C ILE A 187 19.53 -13.85 7.87
N CYS A 188 20.62 -13.10 7.96
CA CYS A 188 21.93 -13.71 8.07
C CYS A 188 22.68 -12.99 9.22
N ILE A 189 22.60 -13.54 10.42
CA ILE A 189 23.22 -12.85 11.55
C ILE A 189 24.61 -13.44 11.90
N SER A 190 25.54 -12.57 12.29
CA SER A 190 26.84 -12.93 12.87
C SER A 190 26.86 -12.68 14.39
N GLU A 191 28.01 -12.91 15.06
CA GLU A 191 28.18 -12.53 16.49
C GLU A 191 27.91 -11.06 16.65
N ASN A 192 28.40 -10.28 15.70
CA ASN A 192 28.22 -8.84 15.66
C ASN A 192 27.55 -8.40 14.38
N GLY A 193 26.32 -7.91 14.51
CA GLY A 193 25.54 -7.42 13.37
C GLY A 193 25.32 -8.52 12.36
N GLY A 194 24.89 -8.14 11.17
CA GLY A 194 24.62 -9.12 10.15
C GLY A 194 23.95 -8.47 8.98
N GLU A 195 23.07 -9.21 8.31
CA GLU A 195 22.45 -8.68 7.12
C GLU A 195 21.05 -9.23 6.91
N LEU A 196 20.18 -8.34 6.44
CA LEU A 196 18.87 -8.69 5.91
C LEU A 196 18.84 -8.54 4.38
N ILE A 197 18.42 -9.60 3.71
CA ILE A 197 18.31 -9.58 2.27
C ILE A 197 16.85 -9.72 1.80
N ALA A 198 16.42 -8.84 0.92
CA ALA A 198 15.12 -9.02 0.26
C ALA A 198 15.31 -9.43 -1.19
N GLY A 199 14.57 -10.45 -1.62
CA GLY A 199 14.60 -10.92 -3.00
C GLY A 199 15.17 -12.31 -3.20
N GLY A 200 15.77 -12.87 -2.14
CA GLY A 200 16.40 -14.19 -2.17
C GLY A 200 17.43 -14.36 -1.06
N TYR A 201 18.34 -15.31 -1.23
CA TYR A 201 19.50 -15.43 -0.37
C TYR A 201 20.76 -15.28 -1.20
N ASP A 202 21.89 -15.08 -0.56
CA ASP A 202 23.13 -14.96 -1.30
C ASP A 202 23.95 -16.24 -1.19
N PRO A 203 24.07 -16.96 -2.31
CA PRO A 203 24.81 -18.22 -2.36
C PRO A 203 26.29 -18.02 -2.01
N ALA A 204 26.79 -16.82 -2.28
CA ALA A 204 28.18 -16.50 -2.02
C ALA A 204 28.54 -16.53 -0.52
N TYR A 205 27.57 -16.33 0.36
CA TYR A 205 27.80 -16.39 1.81
C TYR A 205 27.85 -17.82 2.33
N ILE A 206 27.42 -18.76 1.50
CA ILE A 206 27.25 -20.13 1.96
C ILE A 206 28.61 -20.82 2.20
N VAL A 207 28.70 -21.58 3.29
CA VAL A 207 29.93 -22.27 3.64
C VAL A 207 30.29 -23.32 2.59
N ARG A 208 31.58 -23.38 2.25
CA ARG A 208 32.12 -24.24 1.20
C ARG A 208 31.68 -23.79 -0.19
N ALA A 241 30.02 -26.57 -2.14
CA ALA A 241 29.18 -25.54 -1.51
C ALA A 241 27.89 -26.12 -0.94
N GLU A 242 27.75 -26.03 0.38
CA GLU A 242 26.60 -26.58 1.10
C GLU A 242 25.23 -26.20 0.57
N LYS A 243 24.31 -27.14 0.73
CA LYS A 243 22.97 -27.06 0.20
C LYS A 243 21.98 -26.55 1.26
N VAL A 244 20.95 -25.85 0.79
CA VAL A 244 19.91 -25.34 1.67
C VAL A 244 18.96 -26.44 2.14
N VAL A 245 18.69 -26.48 3.44
CA VAL A 245 17.71 -27.40 3.97
C VAL A 245 16.36 -26.71 4.18
N TRP A 246 15.35 -27.19 3.47
CA TRP A 246 14.04 -26.54 3.41
C TRP A 246 13.00 -27.22 4.28
N GLU A 247 12.10 -26.43 4.87
CA GLU A 247 10.95 -26.98 5.59
C GLU A 247 9.67 -26.20 5.30
N ASN A 248 8.55 -26.91 5.17
CA ASN A 248 7.26 -26.23 5.09
C ASN A 248 6.92 -25.56 6.39
N VAL A 249 6.40 -24.33 6.29
CA VAL A 249 5.86 -23.63 7.43
C VAL A 249 4.53 -24.28 7.82
N THR A 250 4.25 -24.36 9.11
CA THR A 250 3.08 -25.11 9.57
C THR A 250 1.83 -24.25 9.84
N ARG A 251 1.95 -22.93 9.75
CA ARG A 251 0.79 -22.06 9.90
C ARG A 251 0.81 -20.94 8.85
N LYS A 252 -0.36 -20.46 8.44
CA LYS A 252 -0.45 -19.61 7.25
C LYS A 252 0.24 -18.24 7.37
N TYR A 253 0.10 -17.55 8.50
CA TYR A 253 0.59 -16.18 8.56
C TYR A 253 1.71 -16.00 9.57
N TYR A 254 2.19 -17.11 10.11
CA TYR A 254 3.28 -17.08 11.09
C TYR A 254 4.35 -18.10 10.74
N TYR A 255 5.56 -17.83 11.20
CA TYR A 255 6.72 -18.64 10.85
C TYR A 255 6.97 -19.75 11.88
N TYR A 256 6.16 -20.80 11.81
CA TYR A 256 6.34 -21.97 12.63
C TYR A 256 6.84 -23.15 11.81
N ILE A 257 7.80 -23.90 12.33
CA ILE A 257 8.14 -25.19 11.73
C ILE A 257 8.08 -26.32 12.77
N LYS A 258 8.02 -27.56 12.31
CA LYS A 258 7.98 -28.68 13.22
C LYS A 258 9.37 -29.25 13.39
N VAL A 259 9.73 -29.53 14.64
CA VAL A 259 10.97 -30.22 14.96
C VAL A 259 10.62 -31.57 15.56
N ARG A 260 11.14 -32.62 14.94
CA ARG A 260 10.82 -33.99 15.34
C ARG A 260 11.72 -34.54 16.44
N GLY A 261 13.00 -34.18 16.40
CA GLY A 261 13.95 -34.71 17.36
C GLY A 261 15.08 -33.74 17.67
N LEU A 262 15.75 -33.96 18.80
CA LEU A 262 16.92 -33.18 19.16
C LEU A 262 17.94 -34.10 19.84
N ASP A 263 19.01 -34.41 19.11
CA ASP A 263 19.98 -35.39 19.57
C ASP A 263 21.24 -34.75 20.12
N MET A 264 21.83 -35.41 21.11
CA MET A 264 23.16 -35.08 21.58
C MET A 264 23.87 -36.39 21.86
N PHE A 265 25.09 -36.56 21.35
CA PHE A 265 25.86 -37.80 21.49
C PHE A 265 25.07 -39.05 21.12
N GLY A 266 24.19 -38.94 20.13
CA GLY A 266 23.46 -40.10 19.66
C GLY A 266 22.24 -40.46 20.47
N THR A 267 21.93 -39.67 21.49
CA THR A 267 20.73 -39.86 22.29
C THR A 267 19.63 -38.89 21.87
N ASN A 268 18.44 -39.42 21.53
CA ASN A 268 17.29 -38.55 21.23
C ASN A 268 16.63 -38.08 22.53
N MET A 269 16.63 -36.77 22.75
CA MET A 269 16.17 -36.22 24.02
C MET A 269 14.67 -35.93 24.00
N MET A 270 14.07 -35.90 22.82
CA MET A 270 12.64 -35.63 22.74
C MET A 270 11.83 -36.84 23.14
N SER A 271 11.10 -36.65 24.23
CA SER A 271 10.31 -37.70 24.85
C SER A 271 8.94 -37.84 24.20
N SER A 272 8.47 -36.78 23.54
CA SER A 272 7.11 -36.75 22.99
C SER A 272 7.05 -37.05 21.50
N SER A 273 5.88 -37.53 21.07
CA SER A 273 5.77 -38.16 19.77
C SER A 273 5.54 -37.14 18.65
N LYS A 274 4.44 -36.41 18.74
CA LYS A 274 4.28 -35.22 17.91
C LYS A 274 5.49 -34.30 17.93
N GLY A 275 5.91 -33.92 16.73
CA GLY A 275 6.93 -32.92 16.56
C GLY A 275 6.52 -31.66 17.29
N LEU A 276 7.52 -30.95 17.78
CA LEU A 276 7.34 -29.68 18.45
C LEU A 276 7.14 -28.56 17.42
N GLU A 277 6.09 -27.76 17.56
CA GLU A 277 5.86 -26.65 16.64
C GLU A 277 6.52 -25.39 17.16
N MET A 278 7.60 -24.98 16.51
CA MET A 278 8.48 -23.95 17.05
C MET A 278 8.47 -22.69 16.20
N LEU A 279 8.33 -21.55 16.87
CA LEU A 279 8.37 -20.24 16.21
C LEU A 279 9.80 -19.88 15.79
N VAL A 280 9.99 -19.53 14.52
CA VAL A 280 11.29 -19.09 14.04
C VAL A 280 11.34 -17.59 14.28
N ASP A 281 12.04 -17.19 15.34
CA ASP A 281 11.91 -15.83 15.86
C ASP A 281 13.24 -15.07 16.04
N SER A 282 13.48 -14.09 15.18
CA SER A 282 14.68 -13.26 15.27
C SER A 282 14.62 -12.29 16.46
N GLY A 283 13.42 -12.13 17.02
CA GLY A 283 13.21 -11.30 18.18
C GLY A 283 13.26 -12.08 19.48
N SER A 284 13.74 -13.32 19.41
CA SER A 284 13.98 -14.06 20.63
C SER A 284 15.47 -14.30 20.78
N THR A 285 16.06 -13.64 21.77
CA THR A 285 17.51 -13.71 21.98
C THR A 285 17.98 -15.16 22.01
N PHE A 286 17.26 -15.99 22.74
CA PHE A 286 17.65 -17.39 22.90
C PHE A 286 16.64 -18.33 22.27
N THR A 287 17.06 -19.58 22.11
CA THR A 287 16.20 -20.68 21.71
C THR A 287 15.51 -21.27 22.96
N HIS A 288 14.19 -21.43 22.92
CA HIS A 288 13.41 -21.91 24.07
C HIS A 288 12.81 -23.27 23.83
N ILE A 289 12.99 -24.19 24.79
CA ILE A 289 12.58 -25.57 24.61
C ILE A 289 11.87 -26.08 25.85
N PRO A 290 11.13 -27.19 25.73
CA PRO A 290 10.41 -27.68 26.92
C PRO A 290 11.35 -28.14 28.06
N GLU A 291 10.83 -28.17 29.28
CA GLU A 291 11.62 -28.43 30.46
C GLU A 291 12.26 -29.81 30.44
N ASP A 292 11.44 -30.83 30.28
CA ASP A 292 11.90 -32.20 30.04
C ASP A 292 13.06 -32.24 29.05
N LEU A 293 12.91 -31.54 27.93
CA LEU A 293 13.93 -31.57 26.90
C LEU A 293 15.17 -30.84 27.42
N TYR A 294 14.98 -29.66 27.99
CA TYR A 294 16.08 -28.86 28.49
C TYR A 294 16.93 -29.61 29.53
N ASN A 295 16.27 -30.26 30.49
CA ASN A 295 16.98 -30.96 31.56
C ASN A 295 17.87 -32.10 31.07
N LYS A 296 17.44 -32.77 30.01
CA LYS A 296 18.25 -33.83 29.44
C LYS A 296 19.50 -33.23 28.81
N LEU A 297 19.34 -32.24 27.93
CA LEU A 297 20.48 -31.55 27.33
C LEU A 297 21.41 -30.99 28.41
N ASN A 298 20.82 -30.36 29.41
CA ASN A 298 21.59 -29.68 30.43
C ASN A 298 22.40 -30.62 31.30
N TYR A 299 21.94 -31.85 31.42
CA TYR A 299 22.68 -32.86 32.15
C TYR A 299 24.01 -33.14 31.44
N PHE A 300 23.96 -33.30 30.13
CA PHE A 300 25.20 -33.49 29.37
C PHE A 300 26.04 -32.21 29.41
N PHE A 301 25.41 -31.05 29.28
CA PHE A 301 26.19 -29.83 29.30
C PHE A 301 26.86 -29.60 30.67
N ASP A 302 26.21 -30.03 31.76
CA ASP A 302 26.79 -29.90 33.11
C ASP A 302 28.09 -30.69 33.24
N ILE A 303 28.10 -31.89 32.71
CA ILE A 303 29.29 -32.71 32.74
C ILE A 303 30.40 -32.09 31.88
N LEU A 304 30.05 -31.54 30.73
CA LEU A 304 31.05 -30.89 29.86
C LEU A 304 31.59 -29.62 30.51
N CYS A 305 30.85 -29.11 31.49
CA CYS A 305 31.23 -27.87 32.13
C CYS A 305 32.10 -28.17 33.35
N ILE A 306 33.41 -28.16 33.14
CA ILE A 306 34.34 -28.43 34.22
C ILE A 306 34.83 -27.14 34.85
N GLN A 307 34.39 -26.88 36.08
CA GLN A 307 34.63 -25.60 36.73
C GLN A 307 35.86 -25.62 37.62
N ASP A 308 36.50 -26.78 37.70
CA ASP A 308 37.65 -26.96 38.57
C ASP A 308 38.76 -27.78 37.92
N MET A 309 39.22 -27.35 36.75
CA MET A 309 40.30 -28.06 36.09
C MET A 309 41.57 -28.02 36.94
N ASN A 310 41.67 -27.05 37.83
CA ASN A 310 42.85 -26.94 38.68
C ASN A 310 42.91 -28.14 39.63
N ASN A 311 41.78 -28.82 39.75
CA ASN A 311 41.64 -29.97 40.63
C ASN A 311 41.63 -31.31 39.87
N ALA A 312 42.83 -31.81 39.54
CA ALA A 312 42.99 -33.01 38.71
C ALA A 312 42.30 -34.25 39.28
N TYR A 313 42.37 -34.40 40.59
CA TYR A 313 41.65 -35.47 41.28
C TYR A 313 40.15 -35.40 41.01
N ASP A 314 39.54 -34.21 41.11
CA ASP A 314 38.09 -34.14 40.95
C ASP A 314 37.72 -34.33 39.48
N VAL A 315 38.57 -33.86 38.60
CA VAL A 315 38.38 -34.05 37.17
C VAL A 315 38.38 -35.52 36.84
N ASN A 316 39.38 -36.23 37.35
CA ASN A 316 39.47 -37.66 37.12
C ASN A 316 38.26 -38.39 37.66
N LYS A 317 37.76 -37.95 38.80
CA LYS A 317 36.55 -38.52 39.36
C LYS A 317 35.38 -38.32 38.40
N ARG A 318 35.26 -37.14 37.81
CA ARG A 318 34.19 -36.89 36.84
C ARG A 318 34.29 -37.88 35.67
N LEU A 319 35.48 -37.99 35.10
CA LEU A 319 35.76 -38.93 34.03
C LEU A 319 35.26 -40.34 34.35
N LYS A 320 35.66 -40.86 35.51
CA LYS A 320 35.25 -42.21 35.89
C LYS A 320 33.75 -42.29 36.13
N MET A 321 33.19 -41.27 36.76
CA MET A 321 31.73 -41.23 36.98
C MET A 321 30.99 -41.25 35.65
N THR A 322 31.56 -40.57 34.66
CA THR A 322 30.93 -40.48 33.35
C THR A 322 31.02 -41.81 32.60
N ASN A 323 32.14 -42.52 32.77
CA ASN A 323 32.30 -43.82 32.12
C ASN A 323 31.28 -44.82 32.67
N GLU A 324 31.05 -44.79 33.98
CA GLU A 324 30.05 -45.68 34.57
C GLU A 324 28.65 -45.37 34.05
N SER A 325 28.27 -44.10 34.10
CA SER A 325 26.93 -43.67 33.74
C SER A 325 26.58 -43.85 32.25
N PHE A 326 27.53 -43.63 31.36
CA PHE A 326 27.15 -43.47 29.96
C PHE A 326 27.90 -44.35 28.96
N ASN A 327 28.76 -45.26 29.44
CA ASN A 327 29.42 -46.18 28.53
C ASN A 327 28.55 -47.39 28.31
N ASN A 328 27.49 -47.20 27.52
CA ASN A 328 26.48 -48.22 27.28
C ASN A 328 25.77 -47.85 25.96
N PRO A 329 24.93 -48.76 25.41
CA PRO A 329 24.34 -48.50 24.09
C PRO A 329 23.34 -47.34 24.00
N LEU A 330 22.92 -46.77 25.12
CA LEU A 330 22.01 -45.62 25.10
C LEU A 330 22.68 -44.34 24.61
N VAL A 331 24.02 -44.33 24.53
CA VAL A 331 24.75 -43.11 24.18
C VAL A 331 25.90 -43.46 23.25
N GLN A 332 26.23 -42.57 22.32
CA GLN A 332 27.43 -42.75 21.54
C GLN A 332 28.59 -42.33 22.43
N PHE A 333 29.09 -43.28 23.20
CA PHE A 333 30.04 -42.96 24.25
C PHE A 333 31.38 -42.46 23.70
N ASP A 334 31.79 -43.03 22.59
CA ASP A 334 32.96 -42.59 21.84
C ASP A 334 33.02 -41.08 21.73
N ASP A 335 31.95 -40.50 21.17
CA ASP A 335 31.89 -39.06 20.96
C ASP A 335 31.86 -38.26 22.24
N PHE A 336 31.22 -38.81 23.27
CA PHE A 336 31.07 -38.10 24.53
C PHE A 336 32.46 -37.98 25.21
N ARG A 337 33.18 -39.09 25.30
CA ARG A 337 34.52 -39.11 25.83
C ARG A 337 35.48 -38.29 24.94
N LYS A 338 35.25 -38.32 23.63
CA LYS A 338 36.06 -37.55 22.69
C LYS A 338 35.96 -36.07 23.06
N SER A 339 34.73 -35.63 23.28
CA SER A 339 34.43 -34.26 23.67
C SER A 339 35.09 -33.88 25.01
N LEU A 340 34.90 -34.73 26.02
CA LEU A 340 35.53 -34.53 27.32
C LEU A 340 37.04 -34.37 27.23
N LYS A 341 37.69 -35.25 26.47
CA LYS A 341 39.15 -35.24 26.41
C LYS A 341 39.64 -33.97 25.76
N SER A 342 38.91 -33.52 24.75
CA SER A 342 39.24 -32.29 24.06
C SER A 342 39.13 -31.11 25.04
N ILE A 343 37.99 -31.06 25.73
CA ILE A 343 37.75 -30.01 26.70
C ILE A 343 38.85 -30.01 27.75
N ILE A 344 39.21 -31.19 28.24
CA ILE A 344 40.27 -31.30 29.25
C ILE A 344 41.67 -31.01 28.70
N ALA A 345 41.96 -31.53 27.51
CA ALA A 345 43.30 -31.34 26.96
C ALA A 345 43.57 -29.87 26.67
N LYS A 346 42.55 -29.13 26.25
CA LYS A 346 42.79 -27.74 25.86
C LYS A 346 42.57 -26.80 27.05
N GLU A 347 42.28 -27.37 28.22
CA GLU A 347 41.96 -26.59 29.41
C GLU A 347 40.81 -25.62 29.16
N ASN A 348 39.79 -26.13 28.48
CA ASN A 348 38.61 -25.34 28.15
C ASN A 348 37.74 -25.16 29.38
N MET A 349 38.25 -24.35 30.31
CA MET A 349 37.56 -23.98 31.53
C MET A 349 36.13 -23.49 31.32
N CYS A 350 35.27 -23.85 32.26
CA CYS A 350 33.89 -23.42 32.23
C CYS A 350 33.53 -22.62 33.48
N VAL A 351 32.65 -21.63 33.32
CA VAL A 351 32.07 -20.91 34.45
C VAL A 351 30.56 -20.80 34.22
N LYS A 352 29.80 -20.61 35.30
CA LYS A 352 28.36 -20.49 35.16
C LYS A 352 27.88 -19.06 35.40
N ILE A 353 26.82 -18.66 34.70
CA ILE A 353 26.22 -17.35 34.97
C ILE A 353 24.78 -17.53 35.43
N VAL A 354 23.93 -16.54 35.20
CA VAL A 354 22.55 -16.56 35.70
C VAL A 354 21.84 -17.87 35.32
N ASP A 355 20.92 -18.31 36.19
CA ASP A 355 20.21 -19.59 36.06
C ASP A 355 21.08 -20.74 35.57
N GLY A 356 22.30 -20.84 36.11
CA GLY A 356 23.17 -21.97 35.85
C GLY A 356 23.61 -22.16 34.41
N VAL A 357 23.58 -21.10 33.61
CA VAL A 357 24.03 -21.17 32.22
C VAL A 357 25.55 -21.30 32.13
N GLN A 358 26.02 -22.25 31.31
CA GLN A 358 27.43 -22.61 31.21
C GLN A 358 28.16 -21.78 30.16
N CYS A 359 29.38 -21.38 30.50
CA CYS A 359 30.21 -20.56 29.63
C CYS A 359 31.60 -21.18 29.54
N TRP A 360 32.06 -21.48 28.33
CA TRP A 360 33.37 -22.07 28.12
C TRP A 360 34.35 -21.05 27.54
N LYS A 361 35.65 -21.26 27.81
CA LYS A 361 36.69 -20.41 27.25
C LYS A 361 36.78 -20.55 25.75
N TYR A 362 36.56 -21.76 25.27
CA TYR A 362 36.73 -22.04 23.84
C TYR A 362 35.56 -22.81 23.24
N LEU A 363 35.39 -22.70 21.93
CA LEU A 363 34.39 -23.47 21.22
C LEU A 363 34.85 -24.90 21.03
N GLU A 364 36.16 -25.09 21.09
CA GLU A 364 36.76 -26.39 20.82
C GLU A 364 36.41 -27.46 21.86
N GLY A 365 35.96 -28.60 21.36
CA GLY A 365 35.56 -29.71 22.21
C GLY A 365 34.07 -29.83 22.40
N LEU A 366 33.33 -28.73 22.27
CA LEU A 366 31.88 -28.78 22.40
C LEU A 366 31.27 -29.53 21.21
N PRO A 367 30.27 -30.36 21.46
CA PRO A 367 29.66 -31.23 20.45
C PRO A 367 28.65 -30.49 19.58
N ASP A 368 28.38 -31.00 18.39
CA ASP A 368 27.24 -30.50 17.62
C ASP A 368 25.96 -31.05 18.25
N LEU A 369 24.92 -30.25 18.28
CA LEU A 369 23.59 -30.79 18.50
C LEU A 369 22.96 -31.08 17.13
N PHE A 370 22.01 -32.01 17.09
CA PHE A 370 21.38 -32.36 15.82
C PHE A 370 19.87 -32.21 15.90
N VAL A 371 19.36 -31.31 15.08
CA VAL A 371 17.93 -31.04 15.00
C VAL A 371 17.29 -31.80 13.86
N THR A 372 16.33 -32.66 14.18
CA THR A 372 15.57 -33.36 13.16
C THR A 372 14.31 -32.56 12.85
N LEU A 373 14.17 -32.17 11.58
CA LEU A 373 13.05 -31.37 11.12
C LEU A 373 11.91 -32.24 10.61
N SER A 374 10.92 -31.62 9.95
CA SER A 374 9.69 -32.30 9.53
C SER A 374 9.89 -33.46 8.56
N ASN A 375 10.64 -33.21 7.49
CA ASN A 375 10.87 -34.22 6.46
C ASN A 375 12.00 -35.18 6.86
N ASN A 376 12.26 -35.22 8.16
CA ASN A 376 13.23 -36.14 8.75
C ASN A 376 14.65 -35.88 8.28
N TYR A 377 14.97 -34.61 8.09
CA TYR A 377 16.36 -34.23 7.89
C TYR A 377 17.03 -33.89 9.22
N LYS A 378 18.15 -34.55 9.48
CA LYS A 378 18.90 -34.32 10.69
C LYS A 378 19.89 -33.17 10.45
N MET A 379 19.56 -31.99 10.98
CA MET A 379 20.33 -30.77 10.75
C MET A 379 21.33 -30.49 11.88
N LYS A 380 22.54 -30.10 11.51
CA LYS A 380 23.62 -29.87 12.46
C LYS A 380 23.52 -28.50 13.11
N TRP A 381 23.50 -28.47 14.43
CA TRP A 381 23.46 -27.22 15.18
C TRP A 381 24.77 -27.06 15.91
N GLN A 382 25.62 -26.20 15.38
CA GLN A 382 26.99 -26.08 15.85
C GLN A 382 27.15 -25.16 17.06
N PRO A 383 28.19 -25.40 17.87
CA PRO A 383 28.48 -24.55 19.02
C PRO A 383 28.68 -23.08 18.65
N HIS A 384 29.20 -22.77 17.45
CA HIS A 384 29.33 -21.35 17.12
C HIS A 384 27.96 -20.71 16.88
N SER A 385 26.89 -21.52 16.91
CA SER A 385 25.54 -20.95 16.90
C SER A 385 24.93 -20.93 18.30
N TYR A 386 24.83 -22.10 18.93
CA TYR A 386 24.08 -22.17 20.18
C TYR A 386 24.88 -21.58 21.35
N LEU A 387 26.17 -21.34 21.17
CA LEU A 387 26.91 -20.55 22.15
C LEU A 387 27.04 -19.15 21.62
N TYR A 388 26.99 -18.17 22.53
CA TYR A 388 27.26 -16.79 22.17
C TYR A 388 28.44 -16.18 22.95
N LYS A 389 29.04 -15.14 22.38
CA LYS A 389 30.15 -14.45 22.99
C LYS A 389 29.71 -13.56 24.16
N LYS A 390 30.24 -13.85 25.34
CA LYS A 390 30.06 -12.96 26.48
C LYS A 390 31.43 -12.74 27.09
N GLU A 391 31.92 -11.51 26.95
CA GLU A 391 33.28 -11.18 27.29
C GLU A 391 34.20 -12.15 26.52
N SER A 392 35.00 -12.92 27.23
CA SER A 392 35.94 -13.82 26.57
C SER A 392 35.47 -15.27 26.59
N PHE A 393 34.24 -15.50 27.03
CA PHE A 393 33.70 -16.85 27.08
C PHE A 393 32.61 -17.06 26.03
N TRP A 394 32.21 -18.31 25.86
CA TRP A 394 31.13 -18.71 24.98
C TRP A 394 30.04 -19.35 25.79
N CYS A 395 28.86 -18.73 25.86
CA CYS A 395 27.83 -19.17 26.79
C CYS A 395 26.63 -19.81 26.10
N LYS A 396 25.99 -20.77 26.78
CA LYS A 396 24.92 -21.56 26.19
C LYS A 396 23.67 -20.71 25.94
N GLY A 397 23.25 -20.54 24.68
CA GLY A 397 22.07 -19.74 24.39
C GLY A 397 20.76 -20.51 24.25
N ILE A 398 20.53 -21.45 25.18
CA ILE A 398 19.33 -22.28 25.20
C ILE A 398 18.64 -22.20 26.55
N GLU A 399 17.33 -21.98 26.55
CA GLU A 399 16.60 -21.88 27.80
C GLU A 399 15.35 -22.73 27.84
N LYS A 400 14.84 -22.89 29.06
CA LYS A 400 13.51 -23.44 29.29
C LYS A 400 12.47 -22.49 28.72
N GLN A 401 11.36 -23.03 28.25
CA GLN A 401 10.36 -22.18 27.63
C GLN A 401 9.41 -21.64 28.69
N VAL A 402 8.74 -20.55 28.36
CA VAL A 402 7.69 -20.03 29.21
C VAL A 402 6.38 -20.01 28.42
N ASN A 403 5.29 -20.33 29.11
CA ASN A 403 3.94 -20.29 28.54
C ASN A 403 3.74 -21.36 27.48
N ASN A 404 4.51 -22.43 27.58
CA ASN A 404 4.43 -23.51 26.60
C ASN A 404 4.67 -22.99 25.19
N LYS A 405 5.70 -22.16 25.04
CA LYS A 405 6.06 -21.64 23.72
C LYS A 405 7.48 -22.03 23.33
N PRO A 406 7.63 -23.10 22.54
CA PRO A 406 8.96 -23.40 21.97
C PRO A 406 9.35 -22.43 20.85
N ILE A 407 10.58 -21.93 20.92
CA ILE A 407 11.04 -20.86 20.03
C ILE A 407 12.46 -21.13 19.56
N LEU A 408 12.65 -21.15 18.24
CA LEU A 408 13.96 -21.11 17.64
C LEU A 408 14.44 -19.66 17.52
N GLY A 409 15.38 -19.27 18.38
CA GLY A 409 15.74 -17.87 18.51
C GLY A 409 17.04 -17.54 17.80
N LEU A 410 17.62 -16.39 18.13
CA LEU A 410 18.84 -15.91 17.47
C LEU A 410 20.01 -16.91 17.53
N THR A 411 20.11 -17.71 18.59
CA THR A 411 21.16 -18.73 18.68
C THR A 411 20.93 -19.90 17.71
N PHE A 412 19.78 -19.92 17.04
CA PHE A 412 19.56 -20.82 15.91
C PHE A 412 19.79 -20.12 14.57
N PHE A 413 19.68 -18.78 14.57
CA PHE A 413 20.00 -18.00 13.38
C PHE A 413 21.51 -17.83 13.17
N LYS A 414 22.24 -17.68 14.27
CA LYS A 414 23.63 -17.24 14.20
C LYS A 414 24.48 -18.13 13.25
N ASN A 415 25.28 -17.46 12.43
CA ASN A 415 26.12 -18.08 11.39
C ASN A 415 25.35 -18.99 10.43
N ARG A 416 24.09 -18.66 10.18
CA ARG A 416 23.34 -19.28 9.11
C ARG A 416 22.61 -18.23 8.32
N GLN A 417 22.31 -18.56 7.06
CA GLN A 417 21.25 -17.86 6.33
C GLN A 417 19.93 -18.53 6.66
N VAL A 418 18.98 -17.75 7.17
CA VAL A 418 17.64 -18.27 7.42
C VAL A 418 16.72 -17.65 6.38
N ILE A 419 16.17 -18.50 5.52
CA ILE A 419 15.54 -18.01 4.31
C ILE A 419 14.04 -18.16 4.37
N PHE A 420 13.34 -17.03 4.36
CA PHE A 420 11.88 -17.02 4.41
C PHE A 420 11.30 -16.93 3.01
N ASP A 421 11.02 -18.09 2.43
CA ASP A 421 10.47 -18.19 1.08
C ASP A 421 8.96 -18.08 1.20
N ILE A 422 8.46 -16.85 1.17
CA ILE A 422 7.03 -16.58 1.33
C ILE A 422 6.20 -17.16 0.20
N GLN A 423 6.76 -17.15 -0.99
CA GLN A 423 6.05 -17.64 -2.17
C GLN A 423 5.76 -19.16 -2.07
N LYS A 424 6.72 -19.94 -1.57
CA LYS A 424 6.53 -21.40 -1.53
C LYS A 424 6.20 -21.92 -0.12
N ASN A 425 5.86 -21.01 0.79
CA ASN A 425 5.49 -21.37 2.17
C ASN A 425 6.55 -22.23 2.87
N ARG A 426 7.80 -21.83 2.74
CA ARG A 426 8.82 -22.60 3.39
C ARG A 426 9.92 -21.74 3.97
N ILE A 427 10.69 -22.32 4.88
CA ILE A 427 11.84 -21.63 5.46
C ILE A 427 13.07 -22.46 5.20
N GLY A 428 14.17 -21.80 4.80
CA GLY A 428 15.39 -22.50 4.47
C GLY A 428 16.51 -22.22 5.47
N PHE A 429 17.40 -23.19 5.62
CA PHE A 429 18.54 -23.06 6.52
C PHE A 429 19.79 -23.51 5.80
N VAL A 430 20.87 -22.76 5.97
CA VAL A 430 22.16 -23.17 5.41
C VAL A 430 23.29 -22.44 6.16
N ASP A 431 24.38 -23.16 6.45
CA ASP A 431 25.52 -22.55 7.13
C ASP A 431 26.17 -21.43 6.28
N ALA A 432 26.51 -20.32 6.90
CA ALA A 432 27.02 -19.18 6.13
C ALA A 432 28.06 -18.33 6.84
N ASN A 433 28.92 -17.73 6.04
CA ASN A 433 29.72 -16.62 6.51
C ASN A 433 28.93 -15.33 6.35
N CYS A 434 28.19 -14.96 7.40
CA CYS A 434 27.38 -13.75 7.38
C CYS A 434 28.27 -12.52 7.49
N PRO A 435 27.81 -11.40 6.92
CA PRO A 435 28.53 -10.13 7.11
C PRO A 435 28.53 -9.70 8.59
N SER A 436 29.49 -8.89 9.00
CA SER A 436 29.57 -8.37 10.36
C SER A 436 29.51 -6.85 10.42
N HIS A 437 28.81 -6.33 11.41
CA HIS A 437 28.83 -4.89 11.68
C HIS A 437 28.80 -4.70 13.18
N PRO A 438 29.73 -3.90 13.71
CA PRO A 438 30.80 -3.23 12.95
C PRO A 438 31.95 -4.18 12.62
N LYS B 12 -13.71 -9.62 -4.35
CA LYS B 12 -13.63 -9.81 -2.90
C LYS B 12 -13.08 -8.59 -2.14
N ASP B 13 -12.74 -7.52 -2.87
CA ASP B 13 -12.23 -6.29 -2.25
C ASP B 13 -13.29 -5.50 -1.47
N LEU B 14 -12.85 -4.80 -0.44
CA LEU B 14 -13.72 -3.90 0.29
C LEU B 14 -14.01 -2.65 -0.56
N LEU B 15 -15.29 -2.36 -0.80
CA LEU B 15 -15.70 -1.22 -1.63
C LEU B 15 -16.56 -0.21 -0.86
N TYR B 16 -16.17 1.06 -0.83
CA TYR B 16 -17.07 2.09 -0.31
C TYR B 16 -17.74 2.82 -1.47
N LYS B 17 -19.06 2.84 -1.49
CA LYS B 17 -19.82 3.39 -2.60
C LYS B 17 -20.53 4.68 -2.19
N TYR B 18 -20.41 5.71 -3.04
CA TYR B 18 -21.05 7.01 -2.82
C TYR B 18 -21.94 7.35 -4.01
N LYS B 19 -23.13 7.88 -3.74
CA LYS B 19 -24.08 8.29 -4.79
C LYS B 19 -23.63 9.53 -5.54
N LEU B 20 -23.72 9.51 -6.87
CA LEU B 20 -23.55 10.74 -7.65
C LEU B 20 -24.88 11.18 -8.28
N TYR B 21 -25.09 12.50 -8.37
CA TYR B 21 -26.22 13.04 -9.08
C TYR B 21 -25.72 13.89 -10.23
N GLY B 22 -26.57 14.03 -11.26
CA GLY B 22 -26.26 14.90 -12.37
C GLY B 22 -26.57 14.34 -13.75
N ASP B 23 -26.21 15.10 -14.78
CA ASP B 23 -26.38 14.72 -16.17
C ASP B 23 -25.61 15.70 -17.02
N ILE B 24 -25.55 15.42 -18.31
CA ILE B 24 -24.77 16.26 -19.19
C ILE B 24 -25.55 17.51 -19.63
N ASP B 25 -26.82 17.31 -19.99
CA ASP B 25 -27.61 18.41 -20.54
C ASP B 25 -27.98 19.53 -19.55
N GLU B 26 -28.38 19.18 -18.33
CA GLU B 26 -28.98 20.17 -17.43
C GLU B 26 -28.03 20.72 -16.37
N TYR B 27 -27.28 19.82 -15.72
CA TYR B 27 -26.23 20.22 -14.80
C TYR B 27 -24.89 20.47 -15.54
N ALA B 28 -24.60 19.59 -16.50
CA ALA B 28 -23.33 19.56 -17.24
C ALA B 28 -22.16 19.12 -16.33
N TYR B 29 -22.51 18.53 -15.21
CA TYR B 29 -21.54 17.92 -14.32
C TYR B 29 -22.25 16.88 -13.47
N TYR B 30 -21.48 16.18 -12.65
CA TYR B 30 -21.99 15.20 -11.69
C TYR B 30 -21.46 15.58 -10.34
N PHE B 31 -22.31 15.50 -9.33
CA PHE B 31 -21.92 15.97 -8.01
C PHE B 31 -22.32 14.98 -6.91
N LEU B 32 -21.75 15.18 -5.74
CA LEU B 32 -22.08 14.37 -4.58
C LEU B 32 -22.12 15.25 -3.35
N ASP B 33 -22.61 14.69 -2.24
CA ASP B 33 -22.64 15.40 -0.97
C ASP B 33 -21.51 14.97 -0.06
N ILE B 34 -20.98 15.91 0.70
CA ILE B 34 -19.94 15.62 1.68
C ILE B 34 -20.24 16.42 2.96
N ASP B 35 -19.86 15.88 4.12
CA ASP B 35 -20.07 16.60 5.38
C ASP B 35 -18.85 17.38 5.75
N ILE B 36 -19.07 18.61 6.18
CA ILE B 36 -17.97 19.48 6.53
C ILE B 36 -18.24 20.28 7.80
N GLY B 37 -17.28 20.27 8.72
CA GLY B 37 -17.38 21.05 9.93
C GLY B 37 -18.02 20.29 11.06
N THR B 38 -18.17 20.98 12.19
CA THR B 38 -18.71 20.40 13.40
C THR B 38 -19.57 21.46 14.09
N PRO B 39 -20.89 21.26 14.10
CA PRO B 39 -21.59 20.09 13.54
C PRO B 39 -21.58 20.08 12.02
N GLU B 40 -21.93 18.94 11.43
CA GLU B 40 -21.78 18.73 9.99
C GLU B 40 -22.62 19.71 9.18
N GLN B 41 -22.03 20.26 8.13
CA GLN B 41 -22.78 21.01 7.14
C GLN B 41 -22.67 20.25 5.83
N ARG B 42 -23.81 19.80 5.33
CA ARG B 42 -23.84 19.02 4.09
C ARG B 42 -23.64 19.95 2.90
N ILE B 43 -22.69 19.63 2.03
CA ILE B 43 -22.35 20.52 0.92
C ILE B 43 -22.18 19.75 -0.36
N SER B 44 -22.84 20.23 -1.41
CA SER B 44 -22.73 19.59 -2.72
C SER B 44 -21.50 20.08 -3.46
N LEU B 45 -20.77 19.13 -4.05
CA LEU B 45 -19.53 19.43 -4.72
C LEU B 45 -19.46 18.77 -6.07
N ILE B 46 -19.00 19.53 -7.06
CA ILE B 46 -18.74 19.00 -8.38
C ILE B 46 -17.58 18.00 -8.34
N LEU B 47 -17.81 16.82 -8.90
CA LEU B 47 -16.80 15.78 -8.87
C LEU B 47 -15.80 15.99 -9.99
N ASP B 48 -14.57 16.38 -9.64
CA ASP B 48 -13.62 16.88 -10.63
C ASP B 48 -12.24 16.22 -10.61
N THR B 49 -12.02 15.26 -11.49
CA THR B 49 -10.71 14.63 -11.53
C THR B 49 -9.69 15.51 -12.24
N GLY B 50 -10.09 16.71 -12.64
CA GLY B 50 -9.20 17.64 -13.34
C GLY B 50 -8.66 18.79 -12.51
N SER B 51 -8.95 18.80 -11.21
CA SER B 51 -8.32 19.77 -10.32
C SER B 51 -8.04 19.17 -8.96
N SER B 52 -7.35 19.92 -8.11
CA SER B 52 -6.83 19.32 -6.87
C SER B 52 -7.47 19.89 -5.60
N SER B 53 -8.25 20.96 -5.73
CA SER B 53 -8.75 21.63 -4.54
C SER B 53 -10.10 21.10 -4.05
N LEU B 54 -10.46 21.49 -2.83
CA LEU B 54 -11.80 21.32 -2.30
C LEU B 54 -12.19 22.69 -1.80
N SER B 55 -13.22 23.28 -2.39
CA SER B 55 -13.56 24.66 -2.10
C SER B 55 -15.02 24.97 -2.37
N PHE B 56 -15.47 26.08 -1.79
CA PHE B 56 -16.86 26.49 -1.82
C PHE B 56 -17.00 27.89 -1.22
N PRO B 57 -18.10 28.59 -1.50
CA PRO B 57 -18.33 29.88 -0.84
C PRO B 57 -18.38 29.76 0.67
N CYS B 58 -17.95 30.79 1.38
CA CYS B 58 -18.13 30.82 2.81
C CYS B 58 -18.86 32.08 3.22
N ALA B 59 -19.43 32.07 4.42
CA ALA B 59 -20.44 33.05 4.86
C ALA B 59 -20.07 34.52 4.71
N GLY B 60 -18.80 34.85 4.65
CA GLY B 60 -18.44 36.24 4.46
C GLY B 60 -18.75 36.73 3.06
N CYS B 61 -18.92 35.77 2.15
CA CYS B 61 -18.98 36.04 0.73
C CYS B 61 -20.10 36.98 0.37
N LYS B 62 -19.76 38.03 -0.36
CA LYS B 62 -20.75 38.99 -0.79
C LYS B 62 -20.65 39.14 -2.31
N ASN B 63 -19.76 38.35 -2.90
CA ASN B 63 -19.58 38.29 -4.36
C ASN B 63 -19.59 36.86 -4.91
N CYS B 64 -20.55 36.05 -4.48
CA CYS B 64 -20.66 34.67 -4.98
C CYS B 64 -22.02 34.40 -5.61
N GLY B 65 -22.15 33.19 -6.14
CA GLY B 65 -23.39 32.75 -6.78
C GLY B 65 -24.27 32.02 -5.78
N VAL B 66 -25.56 31.93 -6.08
CA VAL B 66 -26.48 31.18 -5.24
C VAL B 66 -26.38 29.71 -5.58
N HIS B 67 -26.41 28.85 -4.57
CA HIS B 67 -26.32 27.42 -4.82
C HIS B 67 -27.36 26.63 -4.01
N MET B 68 -27.32 25.31 -4.16
CA MET B 68 -28.19 24.38 -3.42
C MET B 68 -28.15 24.65 -1.92
N GLU B 69 -26.95 24.95 -1.44
CA GLU B 69 -26.75 25.19 -0.03
C GLU B 69 -26.26 26.61 0.20
N ASN B 70 -26.52 27.14 1.39
CA ASN B 70 -25.95 28.41 1.81
C ASN B 70 -24.44 28.27 1.90
N PRO B 71 -23.69 29.38 1.76
CA PRO B 71 -22.23 29.36 1.93
C PRO B 71 -21.81 28.72 3.24
N PHE B 72 -20.69 28.03 3.24
CA PHE B 72 -20.24 27.37 4.46
C PHE B 72 -19.97 28.40 5.54
N ASN B 73 -20.54 28.21 6.71
CA ASN B 73 -20.40 29.19 7.79
C ASN B 73 -19.29 28.81 8.75
N LEU B 74 -18.15 29.50 8.66
CA LEU B 74 -17.02 29.16 9.50
C LEU B 74 -17.29 29.39 10.98
N ASN B 75 -18.07 30.42 11.32
CA ASN B 75 -18.30 30.75 12.73
C ASN B 75 -19.10 29.67 13.44
N ASN B 76 -19.90 28.92 12.67
CA ASN B 76 -20.74 27.88 13.23
C ASN B 76 -20.05 26.53 13.33
N SER B 77 -18.86 26.44 12.76
CA SER B 77 -18.06 25.24 12.91
C SER B 77 -16.96 25.46 13.94
N LYS B 78 -17.07 24.74 15.06
CA LYS B 78 -16.12 24.90 16.17
C LYS B 78 -14.73 24.38 15.81
N THR B 79 -14.64 23.66 14.69
CA THR B 79 -13.36 23.06 14.32
C THR B 79 -12.75 23.74 13.09
N SER B 80 -13.40 24.80 12.63
CA SER B 80 -12.88 25.57 11.51
C SER B 80 -11.64 26.34 11.96
N SER B 81 -10.66 26.45 11.09
CA SER B 81 -9.44 27.16 11.44
C SER B 81 -8.88 27.86 10.20
N ILE B 82 -9.04 29.18 10.15
CA ILE B 82 -8.51 29.97 9.04
C ILE B 82 -6.97 29.96 9.01
N LEU B 83 -6.41 29.80 7.81
CA LEU B 83 -4.95 29.79 7.66
C LEU B 83 -4.39 31.18 7.46
N TYR B 84 -3.74 31.68 8.51
CA TYR B 84 -3.21 33.05 8.58
C TYR B 84 -1.72 33.14 8.22
N CYS B 85 -1.25 34.35 7.97
CA CYS B 85 0.16 34.57 7.62
C CYS B 85 0.60 36.01 7.93
N GLU B 86 -0.07 36.63 8.89
CA GLU B 86 0.33 37.96 9.34
C GLU B 86 1.74 37.96 9.96
N ASN B 87 2.09 36.86 10.64
CA ASN B 87 3.37 36.79 11.36
C ASN B 87 4.16 35.50 11.15
N GLU B 88 3.62 34.58 10.36
CA GLU B 88 4.32 33.36 10.01
C GLU B 88 4.17 33.08 8.51
N GLU B 89 4.84 32.03 8.03
CA GLU B 89 4.95 31.77 6.61
C GLU B 89 3.76 31.01 6.06
N CYS B 90 3.44 31.26 4.79
CA CYS B 90 2.42 30.49 4.09
C CYS B 90 3.04 29.22 3.54
N PRO B 91 2.66 28.09 4.13
CA PRO B 91 3.04 26.79 3.58
C PRO B 91 2.59 26.62 2.13
N PHE B 92 3.22 25.71 1.41
CA PHE B 92 2.82 25.35 0.05
C PHE B 92 3.02 26.49 -0.93
N LYS B 93 3.91 27.41 -0.57
CA LYS B 93 4.25 28.55 -1.41
C LYS B 93 3.04 29.37 -1.84
N LEU B 94 2.06 29.50 -0.94
CA LEU B 94 0.86 30.28 -1.25
C LEU B 94 1.08 31.76 -1.03
N ASN B 95 0.30 32.58 -1.74
CA ASN B 95 0.37 34.02 -1.53
C ASN B 95 -0.23 34.37 -0.16
N CYS B 96 0.20 35.51 0.37
CA CYS B 96 -0.37 36.03 1.61
C CYS B 96 -1.08 37.33 1.34
N VAL B 97 -2.40 37.30 1.37
CA VAL B 97 -3.22 38.47 1.07
C VAL B 97 -4.10 38.86 2.25
N LYS B 98 -3.96 40.12 2.67
CA LYS B 98 -4.65 40.66 3.85
C LYS B 98 -4.50 39.73 5.04
N GLY B 99 -3.32 39.17 5.23
CA GLY B 99 -3.07 38.36 6.41
C GLY B 99 -3.53 36.93 6.35
N LYS B 100 -4.18 36.53 5.25
CA LYS B 100 -4.63 35.15 5.06
C LYS B 100 -3.94 34.50 3.86
N CYS B 101 -3.79 33.18 3.89
CA CYS B 101 -3.24 32.48 2.75
C CYS B 101 -4.27 32.40 1.62
N GLU B 102 -3.90 32.91 0.46
CA GLU B 102 -4.86 33.08 -0.62
C GLU B 102 -5.19 31.79 -1.32
N TYR B 103 -6.48 31.52 -1.49
CA TYR B 103 -6.93 30.49 -2.42
C TYR B 103 -7.10 31.16 -3.78
N MET B 104 -6.61 30.53 -4.84
CA MET B 104 -6.92 31.01 -6.18
C MET B 104 -6.85 29.90 -7.21
N GLN B 105 -7.77 29.95 -8.16
CA GLN B 105 -7.89 28.93 -9.19
C GLN B 105 -8.38 29.50 -10.52
N SER B 106 -7.61 29.25 -11.58
CA SER B 106 -8.07 29.47 -12.95
C SER B 106 -8.47 28.13 -13.52
N TYR B 107 -9.65 28.07 -14.10
CA TYR B 107 -10.08 26.85 -14.75
C TYR B 107 -10.03 26.99 -16.27
N CYS B 108 -9.88 25.86 -16.95
CA CYS B 108 -9.81 25.82 -18.40
C CYS B 108 -11.01 26.49 -19.05
N GLU B 109 -12.18 26.36 -18.44
CA GLU B 109 -13.40 26.95 -19.00
C GLU B 109 -13.35 28.48 -19.01
N GLY B 110 -12.49 29.08 -18.17
CA GLY B 110 -12.30 30.51 -18.12
C GLY B 110 -12.62 31.18 -16.79
N SER B 111 -13.14 30.41 -15.84
CA SER B 111 -13.44 30.91 -14.51
C SER B 111 -12.18 31.17 -13.66
N GLN B 112 -12.14 32.34 -13.04
CA GLN B 112 -11.12 32.65 -12.04
C GLN B 112 -11.81 32.74 -10.69
N ILE B 113 -11.45 31.86 -9.76
CA ILE B 113 -12.03 31.85 -8.42
C ILE B 113 -10.98 32.18 -7.36
N SER B 114 -11.29 33.12 -6.47
CA SER B 114 -10.36 33.45 -5.40
C SER B 114 -11.01 33.57 -4.02
N GLY B 115 -10.18 33.47 -2.99
CA GLY B 115 -10.61 33.63 -1.61
C GLY B 115 -9.47 33.34 -0.66
N PHE B 116 -9.78 32.68 0.46
CA PHE B 116 -8.76 32.30 1.44
C PHE B 116 -8.93 30.85 1.84
N TYR B 117 -7.86 30.29 2.42
CA TYR B 117 -7.81 28.90 2.86
C TYR B 117 -8.21 28.76 4.33
N PHE B 118 -8.82 27.63 4.66
CA PHE B 118 -9.01 27.26 6.05
C PHE B 118 -9.00 25.74 6.11
N SER B 119 -8.80 25.18 7.31
CA SER B 119 -8.95 23.75 7.48
C SER B 119 -10.11 23.42 8.39
N ASP B 120 -10.71 22.25 8.16
CA ASP B 120 -11.82 21.78 8.97
C ASP B 120 -12.00 20.29 8.76
N VAL B 121 -12.88 19.70 9.56
CA VAL B 121 -13.18 18.30 9.43
C VAL B 121 -14.06 18.03 8.21
N VAL B 122 -13.65 17.06 7.41
CA VAL B 122 -14.47 16.54 6.32
C VAL B 122 -14.90 15.09 6.61
N SER B 123 -16.19 14.79 6.45
CA SER B 123 -16.69 13.43 6.60
C SER B 123 -17.43 12.96 5.35
N VAL B 124 -16.96 11.90 4.71
CA VAL B 124 -17.80 11.32 3.69
C VAL B 124 -18.28 9.95 4.16
N VAL B 125 -19.57 9.69 3.94
CA VAL B 125 -20.21 8.49 4.42
C VAL B 125 -20.72 7.69 3.22
N SER B 126 -20.34 6.42 3.16
CA SER B 126 -20.81 5.52 2.10
C SER B 126 -22.26 5.19 2.36
N TYR B 127 -22.96 4.62 1.39
CA TYR B 127 -24.36 4.27 1.67
C TYR B 127 -24.48 2.90 2.33
N ASN B 128 -23.35 2.32 2.69
CA ASN B 128 -23.34 1.19 3.59
C ASN B 128 -22.98 1.75 4.96
N ASN B 129 -23.11 3.07 5.05
CA ASN B 129 -22.96 3.81 6.29
C ASN B 129 -21.57 3.65 6.90
N GLU B 130 -20.57 3.53 6.04
CA GLU B 130 -19.18 3.47 6.47
C GLU B 130 -18.56 4.85 6.34
N ARG B 131 -18.12 5.42 7.46
CA ARG B 131 -17.70 6.81 7.48
C ARG B 131 -16.20 6.94 7.50
N VAL B 132 -15.67 7.85 6.69
CA VAL B 132 -14.26 8.21 6.73
C VAL B 132 -14.14 9.71 6.94
N THR B 133 -13.31 10.10 7.89
CA THR B 133 -13.28 11.47 8.41
C THR B 133 -11.85 11.97 8.56
N PHE B 134 -11.62 13.21 8.18
CA PHE B 134 -10.30 13.78 8.29
C PHE B 134 -10.33 15.29 8.12
N ARG B 135 -9.28 15.93 8.61
CA ARG B 135 -9.11 17.36 8.47
C ARG B 135 -8.51 17.65 7.10
N LYS B 136 -9.03 18.66 6.38
CA LYS B 136 -8.47 19.07 5.10
C LYS B 136 -8.34 20.57 4.95
N LEU B 137 -7.34 21.00 4.19
CA LEU B 137 -7.16 22.40 3.83
C LEU B 137 -8.06 22.74 2.63
N MET B 138 -9.00 23.66 2.85
CA MET B 138 -10.00 23.98 1.84
C MET B 138 -10.02 25.45 1.53
N GLY B 139 -10.54 25.81 0.36
CA GLY B 139 -10.61 27.20 -0.02
C GLY B 139 -12.00 27.77 0.22
N CYS B 140 -12.05 28.93 0.85
CA CYS B 140 -13.29 29.70 0.85
C CYS B 140 -13.35 30.60 -0.37
N HIS B 141 -14.39 30.43 -1.20
CA HIS B 141 -14.62 31.40 -2.29
C HIS B 141 -15.12 32.72 -1.71
N MET B 142 -14.44 33.82 -2.06
CA MET B 142 -14.92 35.15 -1.75
C MET B 142 -15.27 35.90 -3.04
N HIS B 143 -14.81 35.37 -4.16
CA HIS B 143 -15.14 35.90 -5.48
C HIS B 143 -15.35 34.75 -6.46
N GLU B 144 -16.54 34.71 -7.06
CA GLU B 144 -16.90 33.72 -8.10
C GLU B 144 -17.24 34.43 -9.41
N GLU B 145 -17.42 33.67 -10.50
CA GLU B 145 -17.37 34.25 -11.84
C GLU B 145 -18.05 33.39 -12.90
N SER B 146 -18.69 34.04 -13.88
CA SER B 146 -19.19 33.34 -15.06
C SER B 146 -20.07 32.14 -14.74
N LEU B 147 -19.66 30.95 -15.18
CA LEU B 147 -20.45 29.74 -14.94
C LEU B 147 -20.74 29.45 -13.47
N PHE B 148 -19.84 29.85 -12.58
CA PHE B 148 -20.07 29.63 -11.16
C PHE B 148 -21.27 30.44 -10.66
N LEU B 149 -21.61 31.52 -11.37
CA LEU B 149 -22.78 32.33 -11.05
C LEU B 149 -24.10 31.71 -11.53
N TYR B 150 -24.02 30.56 -12.18
CA TYR B 150 -25.21 29.89 -12.69
C TYR B 150 -25.10 28.41 -12.45
N GLN B 151 -24.81 28.05 -11.21
CA GLN B 151 -24.49 26.68 -10.88
C GLN B 151 -25.20 26.21 -9.61
N GLN B 152 -25.89 25.08 -9.70
CA GLN B 152 -26.60 24.53 -8.55
C GLN B 152 -25.63 24.02 -7.47
N ALA B 153 -24.60 23.28 -7.87
CA ALA B 153 -23.67 22.71 -6.89
C ALA B 153 -22.95 23.80 -6.13
N THR B 154 -22.71 23.57 -4.85
CA THR B 154 -22.16 24.61 -4.02
C THR B 154 -20.65 24.78 -4.24
N GLY B 155 -19.94 23.68 -4.45
CA GLY B 155 -18.50 23.79 -4.67
C GLY B 155 -17.88 22.76 -5.59
N VAL B 156 -16.57 22.60 -5.47
CA VAL B 156 -15.84 21.68 -6.33
C VAL B 156 -14.96 20.72 -5.52
N LEU B 157 -15.07 19.44 -5.86
CA LEU B 157 -14.25 18.43 -5.25
C LEU B 157 -13.23 17.93 -6.23
N GLY B 158 -12.03 18.48 -6.15
CA GLY B 158 -10.93 18.04 -7.01
C GLY B 158 -10.45 16.67 -6.57
N MET B 159 -10.24 15.78 -7.55
CA MET B 159 -9.92 14.40 -7.25
C MET B 159 -8.52 13.97 -7.68
N SER B 160 -7.64 14.93 -7.99
CA SER B 160 -6.30 14.58 -8.41
C SER B 160 -5.37 14.44 -7.19
N LEU B 161 -4.10 14.12 -7.46
CA LEU B 161 -3.19 13.63 -6.45
C LEU B 161 -2.30 14.71 -5.86
N SER B 162 -1.78 14.43 -4.67
CA SER B 162 -0.93 15.36 -3.93
C SER B 162 0.46 15.45 -4.53
N LYS B 163 0.96 16.66 -4.65
CA LYS B 163 2.33 16.91 -5.07
C LYS B 163 3.20 17.04 -3.81
N PRO B 164 4.50 16.71 -3.91
CA PRO B 164 5.40 16.71 -2.75
C PRO B 164 5.42 18.01 -1.94
N GLN B 165 5.45 19.17 -2.59
CA GLN B 165 5.45 20.40 -1.79
C GLN B 165 4.08 21.07 -1.84
N GLY B 166 3.06 20.27 -2.12
CA GLY B 166 1.70 20.77 -2.29
C GLY B 166 0.73 20.42 -1.18
N ILE B 167 -0.48 20.95 -1.31
CA ILE B 167 -1.55 20.67 -0.36
C ILE B 167 -2.05 19.24 -0.49
N PRO B 168 -2.13 18.51 0.64
CA PRO B 168 -2.76 17.20 0.57
C PRO B 168 -4.20 17.23 0.05
N THR B 169 -4.43 16.42 -0.97
CA THR B 169 -5.72 16.47 -1.63
C THR B 169 -6.65 15.48 -1.01
N PHE B 170 -7.94 15.66 -1.31
CA PHE B 170 -8.99 14.82 -0.78
C PHE B 170 -8.76 13.33 -1.02
N VAL B 171 -8.30 12.97 -2.22
CA VAL B 171 -8.20 11.57 -2.57
C VAL B 171 -7.09 10.88 -1.79
N ASN B 172 -5.93 11.52 -1.69
CA ASN B 172 -4.85 10.98 -0.89
C ASN B 172 -5.22 10.89 0.59
N LEU B 173 -5.87 11.93 1.10
CA LEU B 173 -6.33 11.94 2.48
C LEU B 173 -7.40 10.86 2.76
N LEU B 174 -8.35 10.68 1.85
CA LEU B 174 -9.34 9.63 2.03
C LEU B 174 -8.64 8.28 2.20
N PHE B 175 -7.68 7.98 1.33
CA PHE B 175 -7.06 6.65 1.41
C PHE B 175 -6.09 6.55 2.60
N ASP B 176 -5.41 7.64 2.94
CA ASP B 176 -4.50 7.64 4.09
C ASP B 176 -5.29 7.31 5.33
N ASN B 177 -6.51 7.84 5.41
CA ASN B 177 -7.36 7.61 6.56
C ASN B 177 -8.24 6.40 6.42
N ALA B 178 -8.09 5.69 5.31
CA ALA B 178 -8.82 4.44 5.13
C ALA B 178 -7.90 3.33 4.63
N PRO B 179 -6.98 2.89 5.51
CA PRO B 179 -5.98 1.86 5.22
C PRO B 179 -6.60 0.51 4.90
N GLN B 180 -7.87 0.31 5.24
CA GLN B 180 -8.53 -0.95 4.93
C GLN B 180 -8.90 -1.03 3.45
N LEU B 181 -8.73 0.08 2.73
CA LEU B 181 -9.03 0.16 1.30
C LEU B 181 -7.78 0.21 0.44
N LYS B 182 -7.83 -0.46 -0.72
CA LYS B 182 -6.79 -0.31 -1.72
C LYS B 182 -6.92 1.07 -2.35
N GLN B 183 -5.79 1.64 -2.80
CA GLN B 183 -5.79 2.98 -3.36
C GLN B 183 -6.33 2.95 -4.77
N VAL B 184 -7.63 2.76 -4.91
CA VAL B 184 -8.25 2.75 -6.22
C VAL B 184 -9.59 3.43 -6.10
N PHE B 185 -9.88 4.39 -6.97
CA PHE B 185 -11.26 4.86 -7.04
C PHE B 185 -11.81 4.76 -8.46
N THR B 186 -13.09 4.44 -8.52
CA THR B 186 -13.78 4.21 -9.77
C THR B 186 -14.92 5.21 -9.85
N ILE B 187 -15.05 5.84 -11.01
CA ILE B 187 -16.18 6.68 -11.33
C ILE B 187 -17.06 5.97 -12.37
N CYS B 188 -18.36 5.91 -12.11
CA CYS B 188 -19.25 5.15 -12.98
C CYS B 188 -20.51 5.97 -13.25
N ILE B 189 -20.52 6.74 -14.34
CA ILE B 189 -21.65 7.63 -14.57
C ILE B 189 -22.68 7.06 -15.58
N SER B 190 -23.95 7.34 -15.29
CA SER B 190 -25.09 7.06 -16.16
C SER B 190 -25.58 8.35 -16.83
N GLU B 191 -26.65 8.29 -17.63
CA GLU B 191 -27.26 9.50 -18.18
C GLU B 191 -27.66 10.39 -17.03
N ASN B 192 -28.19 9.75 -15.99
CA ASN B 192 -28.63 10.42 -14.76
C ASN B 192 -27.92 9.87 -13.56
N GLY B 193 -27.10 10.70 -12.93
CA GLY B 193 -26.38 10.31 -11.74
C GLY B 193 -25.42 9.15 -11.97
N GLY B 194 -24.94 8.58 -10.89
CA GLY B 194 -24.00 7.48 -11.02
C GLY B 194 -23.43 7.09 -9.70
N GLU B 195 -22.18 6.66 -9.71
CA GLU B 195 -21.58 6.17 -8.48
C GLU B 195 -20.08 6.38 -8.43
N LEU B 196 -19.61 6.73 -7.24
CA LEU B 196 -18.20 6.79 -6.94
C LEU B 196 -17.82 5.64 -5.99
N ILE B 197 -16.83 4.87 -6.39
CA ILE B 197 -16.41 3.75 -5.58
C ILE B 197 -15.00 3.94 -5.09
N ALA B 198 -14.80 3.78 -3.78
CA ALA B 198 -13.46 3.76 -3.22
C ALA B 198 -13.08 2.34 -2.79
N GLY B 199 -11.88 1.91 -3.16
CA GLY B 199 -11.39 0.60 -2.75
C GLY B 199 -11.22 -0.36 -3.92
N GLY B 200 -11.74 0.01 -5.09
CA GLY B 200 -11.69 -0.84 -6.28
C GLY B 200 -12.76 -0.47 -7.31
N TYR B 201 -13.10 -1.42 -8.18
CA TYR B 201 -14.27 -1.26 -9.03
C TYR B 201 -15.20 -2.43 -8.74
N ASP B 202 -16.43 -2.34 -9.22
CA ASP B 202 -17.37 -3.42 -9.04
C ASP B 202 -17.53 -4.22 -10.32
N PRO B 203 -17.07 -5.49 -10.29
CA PRO B 203 -17.16 -6.39 -11.44
C PRO B 203 -18.61 -6.65 -11.86
N ALA B 204 -19.52 -6.57 -10.89
CA ALA B 204 -20.93 -6.85 -11.15
C ALA B 204 -21.57 -5.85 -12.12
N TYR B 205 -21.01 -4.65 -12.24
CA TYR B 205 -21.53 -3.63 -13.15
C TYR B 205 -21.09 -3.89 -14.58
N ILE B 206 -20.12 -4.77 -14.76
CA ILE B 206 -19.49 -4.93 -16.05
C ILE B 206 -20.45 -5.62 -17.02
N VAL B 207 -20.49 -5.11 -18.24
CA VAL B 207 -21.38 -5.63 -19.27
C VAL B 207 -20.97 -7.05 -19.64
N ARG B 208 -21.96 -7.93 -19.75
CA ARG B 208 -21.78 -9.35 -20.07
C ARG B 208 -21.09 -10.10 -18.94
N ALA B 241 -18.00 -11.77 -18.62
CA ALA B 241 -17.78 -10.38 -18.22
C ALA B 241 -16.60 -9.77 -18.97
N GLU B 242 -16.88 -8.70 -19.74
CA GLU B 242 -15.85 -7.97 -20.47
C GLU B 242 -14.68 -7.62 -19.56
N LYS B 243 -13.48 -7.58 -20.11
CA LYS B 243 -12.30 -7.32 -19.29
C LYS B 243 -11.90 -5.83 -19.30
N VAL B 244 -11.29 -5.39 -18.20
CA VAL B 244 -10.84 -4.02 -18.06
C VAL B 244 -9.63 -3.72 -18.95
N VAL B 245 -9.71 -2.63 -19.68
CA VAL B 245 -8.60 -2.16 -20.49
C VAL B 245 -7.78 -1.11 -19.75
N TRP B 246 -6.52 -1.43 -19.52
CA TRP B 246 -5.64 -0.64 -18.66
C TRP B 246 -4.66 0.26 -19.42
N GLU B 247 -4.40 1.45 -18.91
CA GLU B 247 -3.39 2.33 -19.49
C GLU B 247 -2.55 3.01 -18.42
N ASN B 248 -1.25 3.12 -18.65
CA ASN B 248 -0.37 3.87 -17.76
C ASN B 248 -0.67 5.35 -17.79
N VAL B 249 -0.69 5.98 -16.61
CA VAL B 249 -0.78 7.43 -16.58
C VAL B 249 0.57 8.01 -17.02
N THR B 250 0.55 9.10 -17.78
CA THR B 250 1.77 9.64 -18.38
C THR B 250 2.40 10.79 -17.59
N ARG B 251 1.75 11.22 -16.51
CA ARG B 251 2.31 12.26 -15.63
C ARG B 251 2.09 11.88 -14.15
N LYS B 252 2.98 12.32 -13.26
CA LYS B 252 2.98 11.81 -11.89
C LYS B 252 1.77 12.23 -11.06
N TYR B 253 1.36 13.49 -11.18
CA TYR B 253 0.32 14.00 -10.28
C TYR B 253 -0.98 14.38 -10.97
N TYR B 254 -1.12 14.02 -12.24
CA TYR B 254 -2.32 14.31 -13.01
C TYR B 254 -2.78 13.10 -13.82
N TYR B 255 -4.06 13.04 -14.13
CA TYR B 255 -4.60 11.88 -14.86
C TYR B 255 -4.57 12.09 -16.38
N TYR B 256 -3.39 11.96 -16.97
CA TYR B 256 -3.24 12.02 -18.41
C TYR B 256 -2.98 10.62 -18.96
N ILE B 257 -3.61 10.30 -20.09
CA ILE B 257 -3.25 9.10 -20.84
C ILE B 257 -2.92 9.46 -22.28
N LYS B 258 -2.26 8.56 -23.00
CA LYS B 258 -1.86 8.87 -24.35
C LYS B 258 -2.83 8.20 -25.33
N VAL B 259 -3.30 8.95 -26.32
CA VAL B 259 -4.16 8.37 -27.37
C VAL B 259 -3.48 8.43 -28.75
N ARG B 260 -3.34 7.27 -29.40
CA ARG B 260 -2.60 7.15 -30.66
C ARG B 260 -3.46 7.39 -31.91
N GLY B 261 -4.71 6.94 -31.88
CA GLY B 261 -5.56 7.02 -33.06
C GLY B 261 -7.04 7.17 -32.75
N LEU B 262 -7.80 7.65 -33.73
CA LEU B 262 -9.26 7.76 -33.59
C LEU B 262 -9.91 7.41 -34.93
N ASP B 263 -10.54 6.23 -34.99
CA ASP B 263 -11.10 5.75 -36.23
C ASP B 263 -12.62 5.90 -36.26
N MET B 264 -13.13 6.16 -37.47
CA MET B 264 -14.54 6.10 -37.77
C MET B 264 -14.67 5.48 -39.17
N PHE B 265 -15.53 4.48 -39.31
CA PHE B 265 -15.68 3.72 -40.54
C PHE B 265 -14.33 3.27 -41.12
N GLY B 266 -13.39 2.95 -40.23
CA GLY B 266 -12.11 2.40 -40.65
C GLY B 266 -11.03 3.38 -41.05
N THR B 267 -11.33 4.68 -40.99
CA THR B 267 -10.35 5.71 -41.33
C THR B 267 -9.73 6.33 -40.10
N ASN B 268 -8.40 6.35 -40.04
CA ASN B 268 -7.70 7.04 -38.93
C ASN B 268 -7.68 8.54 -39.15
N MET B 269 -8.29 9.27 -38.22
CA MET B 269 -8.44 10.72 -38.34
C MET B 269 -7.28 11.49 -37.72
N MET B 270 -6.50 10.84 -36.85
CA MET B 270 -5.33 11.50 -36.27
C MET B 270 -4.21 11.49 -37.29
N SER B 271 -3.86 12.67 -37.79
CA SER B 271 -2.85 12.75 -38.82
C SER B 271 -1.50 12.77 -38.13
N SER B 272 -1.49 13.17 -36.86
CA SER B 272 -0.23 13.18 -36.12
C SER B 272 -0.19 11.93 -35.23
N SER B 273 0.98 11.30 -35.18
CA SER B 273 1.16 9.97 -34.59
C SER B 273 1.75 10.04 -33.18
N LYS B 274 2.61 11.04 -32.96
CA LYS B 274 2.98 11.40 -31.59
C LYS B 274 1.69 11.39 -30.78
N GLY B 275 1.68 10.65 -29.68
CA GLY B 275 0.48 10.56 -28.87
C GLY B 275 -0.13 11.87 -28.41
N LEU B 276 -1.46 11.90 -28.38
CA LEU B 276 -2.20 13.01 -27.83
C LEU B 276 -2.27 12.80 -26.31
N GLU B 277 -1.84 13.79 -25.53
CA GLU B 277 -1.87 13.67 -24.08
C GLU B 277 -3.18 14.23 -23.57
N MET B 278 -4.09 13.35 -23.14
CA MET B 278 -5.45 13.77 -22.82
C MET B 278 -5.74 13.63 -21.34
N LEU B 279 -6.28 14.71 -20.77
CA LEU B 279 -6.65 14.71 -19.38
C LEU B 279 -7.91 13.88 -19.19
N VAL B 280 -7.88 12.95 -18.26
CA VAL B 280 -9.09 12.20 -17.97
C VAL B 280 -9.87 13.01 -16.93
N ASP B 281 -10.91 13.71 -17.39
CA ASP B 281 -11.55 14.74 -16.59
C ASP B 281 -13.07 14.58 -16.42
N SER B 282 -13.50 14.23 -15.20
CA SER B 282 -14.93 14.13 -14.86
C SER B 282 -15.58 15.52 -14.73
N GLY B 283 -14.74 16.56 -14.65
CA GLY B 283 -15.21 17.93 -14.57
C GLY B 283 -15.25 18.63 -15.91
N SER B 284 -15.11 17.85 -16.98
CA SER B 284 -15.29 18.39 -18.31
C SER B 284 -16.50 17.74 -18.93
N THR B 285 -17.53 18.54 -19.13
CA THR B 285 -18.80 18.04 -19.66
C THR B 285 -18.59 17.24 -20.92
N PHE B 286 -17.82 17.79 -21.84
CA PHE B 286 -17.60 17.13 -23.12
C PHE B 286 -16.14 16.69 -23.30
N THR B 287 -15.93 15.88 -24.31
CA THR B 287 -14.61 15.47 -24.78
C THR B 287 -14.04 16.52 -25.75
N HIS B 288 -12.81 16.97 -25.51
CA HIS B 288 -12.21 18.02 -26.32
C HIS B 288 -11.05 17.52 -27.15
N ILE B 289 -11.07 17.81 -28.46
CA ILE B 289 -10.05 17.29 -29.38
C ILE B 289 -9.55 18.37 -30.31
N PRO B 290 -8.40 18.14 -30.94
CA PRO B 290 -7.89 19.18 -31.82
C PRO B 290 -8.77 19.43 -33.04
N GLU B 291 -8.60 20.61 -33.62
CA GLU B 291 -9.40 21.08 -34.74
C GLU B 291 -9.25 20.15 -35.94
N ASP B 292 -8.01 19.88 -36.32
CA ASP B 292 -7.66 18.87 -37.34
C ASP B 292 -8.54 17.63 -37.21
N LEU B 293 -8.58 17.10 -35.99
CA LEU B 293 -9.27 15.87 -35.71
C LEU B 293 -10.78 16.08 -35.76
N TYR B 294 -11.22 17.13 -35.09
CA TYR B 294 -12.64 17.42 -34.97
C TYR B 294 -13.29 17.55 -36.35
N ASN B 295 -12.66 18.33 -37.23
CA ASN B 295 -13.24 18.56 -38.56
C ASN B 295 -13.38 17.29 -39.39
N LYS B 296 -12.46 16.34 -39.20
CA LYS B 296 -12.53 15.08 -39.92
C LYS B 296 -13.73 14.26 -39.45
N LEU B 297 -13.83 14.06 -38.13
CA LEU B 297 -14.98 13.36 -37.57
C LEU B 297 -16.30 14.02 -37.95
N ASN B 298 -16.31 15.34 -37.81
CA ASN B 298 -17.53 16.09 -37.97
C ASN B 298 -18.01 16.05 -39.41
N TYR B 299 -17.09 15.86 -40.34
CA TYR B 299 -17.46 15.72 -41.74
C TYR B 299 -18.32 14.48 -41.91
N PHE B 300 -17.90 13.38 -41.32
CA PHE B 300 -18.73 12.18 -41.35
C PHE B 300 -20.04 12.41 -40.56
N PHE B 301 -19.97 13.06 -39.41
CA PHE B 301 -21.17 13.24 -38.61
C PHE B 301 -22.20 14.15 -39.31
N ASP B 302 -21.72 15.13 -40.07
CA ASP B 302 -22.61 15.98 -40.88
C ASP B 302 -23.37 15.15 -41.92
N ILE B 303 -22.70 14.19 -42.55
CA ILE B 303 -23.38 13.38 -43.53
C ILE B 303 -24.42 12.48 -42.84
N LEU B 304 -24.11 11.92 -41.69
CA LEU B 304 -25.06 11.10 -40.94
C LEU B 304 -26.24 11.91 -40.40
N CYS B 305 -26.08 13.23 -40.34
CA CYS B 305 -27.09 14.11 -39.79
C CYS B 305 -28.02 14.58 -40.91
N ILE B 306 -29.10 13.85 -41.09
CA ILE B 306 -30.06 14.19 -42.12
C ILE B 306 -31.23 14.96 -41.53
N GLN B 307 -31.29 16.24 -41.87
CA GLN B 307 -32.24 17.18 -41.29
C GLN B 307 -33.50 17.33 -42.15
N ASP B 308 -33.52 16.67 -43.31
CA ASP B 308 -34.62 16.82 -44.23
C ASP B 308 -35.05 15.50 -44.83
N MET B 309 -35.36 14.56 -43.96
CA MET B 309 -35.82 13.25 -44.39
C MET B 309 -37.12 13.35 -45.15
N ASN B 310 -37.84 14.45 -44.92
CA ASN B 310 -39.09 14.68 -45.59
C ASN B 310 -38.88 14.92 -47.08
N ASN B 311 -37.64 15.22 -47.44
CA ASN B 311 -37.27 15.50 -48.82
C ASN B 311 -36.54 14.31 -49.46
N ALA B 312 -37.29 13.32 -49.90
CA ALA B 312 -36.74 12.06 -50.40
C ALA B 312 -35.76 12.26 -51.55
N TYR B 313 -36.07 13.23 -52.41
CA TYR B 313 -35.15 13.61 -53.48
C TYR B 313 -33.76 14.04 -52.95
N ASP B 314 -33.73 14.88 -51.93
CA ASP B 314 -32.46 15.40 -51.46
C ASP B 314 -31.68 14.34 -50.69
N VAL B 315 -32.41 13.49 -49.97
CA VAL B 315 -31.78 12.43 -49.20
C VAL B 315 -31.04 11.50 -50.15
N ASN B 316 -31.73 11.08 -51.20
CA ASN B 316 -31.15 10.25 -52.24
C ASN B 316 -29.97 10.95 -52.91
N LYS B 317 -30.08 12.26 -53.10
CA LYS B 317 -28.97 13.00 -53.65
C LYS B 317 -27.76 12.87 -52.73
N ARG B 318 -27.99 12.97 -51.42
CA ARG B 318 -26.90 12.82 -50.45
C ARG B 318 -26.23 11.46 -50.61
N LEU B 319 -27.04 10.40 -50.64
CA LEU B 319 -26.54 9.04 -50.87
C LEU B 319 -25.60 8.95 -52.04
N LYS B 320 -26.04 9.47 -53.19
CA LYS B 320 -25.21 9.46 -54.37
C LYS B 320 -23.95 10.28 -54.17
N MET B 321 -24.09 11.41 -53.51
CA MET B 321 -22.92 12.24 -53.23
C MET B 321 -21.94 11.47 -52.39
N THR B 322 -22.49 10.70 -51.45
CA THR B 322 -21.66 9.94 -50.51
C THR B 322 -21.03 8.72 -51.17
N ASN B 323 -21.76 8.09 -52.09
CA ASN B 323 -21.25 6.91 -52.78
C ASN B 323 -20.01 7.29 -53.61
N GLU B 324 -20.08 8.44 -54.28
CA GLU B 324 -18.95 8.92 -55.06
C GLU B 324 -17.73 9.24 -54.18
N SER B 325 -17.94 10.05 -53.16
CA SER B 325 -16.87 10.54 -52.30
C SER B 325 -16.16 9.46 -51.48
N PHE B 326 -16.90 8.45 -51.03
CA PHE B 326 -16.37 7.55 -50.00
C PHE B 326 -16.39 6.04 -50.29
N ASN B 327 -16.86 5.66 -51.48
CA ASN B 327 -16.81 4.25 -51.84
C ASN B 327 -15.48 3.88 -52.49
N ASN B 328 -14.45 3.76 -51.66
CA ASN B 328 -13.06 3.50 -52.10
C ASN B 328 -12.28 2.90 -50.91
N PRO B 329 -11.04 2.40 -51.14
CA PRO B 329 -10.31 1.69 -50.06
C PRO B 329 -9.87 2.54 -48.85
N LEU B 330 -10.00 3.86 -48.94
CA LEU B 330 -9.69 4.77 -47.84
C LEU B 330 -10.71 4.74 -46.71
N VAL B 331 -11.85 4.10 -46.95
CA VAL B 331 -12.96 4.08 -45.98
C VAL B 331 -13.56 2.69 -45.99
N GLN B 332 -14.01 2.19 -44.85
CA GLN B 332 -14.77 0.96 -44.86
C GLN B 332 -16.18 1.35 -45.26
N PHE B 333 -16.42 1.35 -46.56
CA PHE B 333 -17.64 1.91 -47.07
C PHE B 333 -18.89 1.14 -46.68
N ASP B 334 -18.76 -0.19 -46.65
CA ASP B 334 -19.79 -1.09 -46.20
C ASP B 334 -20.45 -0.59 -44.91
N ASP B 335 -19.62 -0.32 -43.90
CA ASP B 335 -20.11 0.15 -42.61
C ASP B 335 -20.73 1.53 -42.68
N PHE B 336 -20.21 2.36 -43.57
CA PHE B 336 -20.69 3.71 -43.71
C PHE B 336 -22.10 3.66 -44.34
N ARG B 337 -22.22 2.93 -45.44
CA ARG B 337 -23.51 2.76 -46.08
C ARG B 337 -24.49 2.01 -45.16
N LYS B 338 -23.97 1.06 -44.37
CA LYS B 338 -24.79 0.32 -43.43
C LYS B 338 -25.43 1.32 -42.45
N SER B 339 -24.59 2.21 -41.93
CA SER B 339 -25.04 3.22 -40.97
C SER B 339 -26.10 4.14 -41.58
N LEU B 340 -25.80 4.70 -42.74
CA LEU B 340 -26.77 5.56 -43.43
C LEU B 340 -28.13 4.86 -43.64
N LYS B 341 -28.12 3.62 -44.07
CA LYS B 341 -29.41 2.98 -44.40
C LYS B 341 -30.23 2.79 -43.13
N SER B 342 -29.54 2.45 -42.06
CA SER B 342 -30.18 2.28 -40.77
C SER B 342 -30.79 3.61 -40.32
N ILE B 343 -29.99 4.68 -40.39
CA ILE B 343 -30.48 6.01 -40.02
C ILE B 343 -31.71 6.37 -40.85
N ILE B 344 -31.64 6.14 -42.15
CA ILE B 344 -32.74 6.45 -43.07
C ILE B 344 -33.96 5.54 -42.88
N ALA B 345 -33.73 4.25 -42.68
CA ALA B 345 -34.82 3.29 -42.54
C ALA B 345 -35.65 3.57 -41.29
N LYS B 346 -34.99 3.99 -40.22
CA LYS B 346 -35.68 4.20 -38.95
C LYS B 346 -36.12 5.65 -38.82
N GLU B 347 -35.91 6.42 -39.88
CA GLU B 347 -36.24 7.84 -39.89
C GLU B 347 -35.60 8.58 -38.73
N ASN B 348 -34.32 8.28 -38.48
CA ASN B 348 -33.59 8.92 -37.40
C ASN B 348 -33.22 10.36 -37.73
N MET B 349 -34.23 11.22 -37.73
CA MET B 349 -34.09 12.65 -37.96
C MET B 349 -33.01 13.27 -37.10
N CYS B 350 -32.30 14.24 -37.68
CA CYS B 350 -31.27 14.94 -36.97
C CYS B 350 -31.59 16.42 -36.92
N VAL B 351 -31.22 17.09 -35.82
CA VAL B 351 -31.27 18.55 -35.79
C VAL B 351 -30.00 19.07 -35.18
N LYS B 352 -29.69 20.33 -35.44
CA LYS B 352 -28.49 20.91 -34.91
C LYS B 352 -28.78 21.92 -33.79
N ILE B 353 -27.88 21.98 -32.81
CA ILE B 353 -27.96 23.02 -31.80
C ILE B 353 -26.75 23.97 -31.88
N VAL B 354 -26.37 24.59 -30.77
CA VAL B 354 -25.30 25.57 -30.76
C VAL B 354 -24.03 25.01 -31.38
N ASP B 355 -23.25 25.89 -32.00
CA ASP B 355 -22.05 25.55 -32.78
C ASP B 355 -22.21 24.30 -33.65
N GLY B 356 -23.37 24.18 -34.31
CA GLY B 356 -23.60 23.13 -35.27
C GLY B 356 -23.53 21.69 -34.77
N VAL B 357 -23.71 21.50 -33.47
CA VAL B 357 -23.71 20.16 -32.88
C VAL B 357 -24.95 19.34 -33.25
N GLN B 358 -24.75 18.10 -33.70
CA GLN B 358 -25.84 17.30 -34.24
C GLN B 358 -26.54 16.49 -33.15
N CYS B 359 -27.88 16.42 -33.27
CA CYS B 359 -28.73 15.69 -32.32
C CYS B 359 -29.65 14.78 -33.13
N TRP B 360 -29.63 13.49 -32.84
CA TRP B 360 -30.46 12.51 -33.53
C TRP B 360 -31.60 12.05 -32.62
N LYS B 361 -32.70 11.59 -33.21
CA LYS B 361 -33.81 11.06 -32.43
C LYS B 361 -33.46 9.78 -31.69
N TYR B 362 -32.67 8.93 -32.32
CA TYR B 362 -32.36 7.61 -31.79
C TYR B 362 -30.87 7.31 -31.79
N LEU B 363 -30.45 6.37 -30.94
CA LEU B 363 -29.05 5.92 -30.94
C LEU B 363 -28.76 4.98 -32.10
N GLU B 364 -29.82 4.37 -32.64
CA GLU B 364 -29.73 3.36 -33.69
C GLU B 364 -29.19 3.88 -35.02
N GLY B 365 -28.21 3.19 -35.58
CA GLY B 365 -27.65 3.60 -36.85
C GLY B 365 -26.35 4.36 -36.68
N LEU B 366 -26.16 4.98 -35.51
CA LEU B 366 -24.91 5.67 -35.24
C LEU B 366 -23.78 4.65 -35.03
N PRO B 367 -22.59 4.95 -35.59
CA PRO B 367 -21.43 4.05 -35.57
C PRO B 367 -20.61 4.14 -34.29
N ASP B 368 -19.86 3.09 -33.99
CA ASP B 368 -18.88 3.19 -32.93
C ASP B 368 -17.70 4.02 -33.44
N LEU B 369 -17.14 4.84 -32.57
CA LEU B 369 -15.81 5.41 -32.80
C LEU B 369 -14.76 4.46 -32.15
N PHE B 370 -13.53 4.47 -32.63
CA PHE B 370 -12.51 3.60 -32.05
C PHE B 370 -11.28 4.37 -31.65
N VAL B 371 -11.03 4.35 -30.35
CA VAL B 371 -9.89 5.02 -29.73
C VAL B 371 -8.73 4.07 -29.56
N THR B 372 -7.61 4.35 -30.20
CA THR B 372 -6.39 3.56 -30.00
C THR B 372 -5.55 4.19 -28.91
N LEU B 373 -5.30 3.42 -27.87
CA LEU B 373 -4.55 3.91 -26.72
C LEU B 373 -3.05 3.67 -26.85
N SER B 374 -2.34 3.92 -25.76
CA SER B 374 -0.89 3.93 -25.74
C SER B 374 -0.31 2.59 -26.17
N ASN B 375 -0.82 1.51 -25.60
CA ASN B 375 -0.35 0.17 -25.91
C ASN B 375 -1.03 -0.39 -27.16
N ASN B 376 -1.59 0.52 -27.96
CA ASN B 376 -2.17 0.20 -29.24
C ASN B 376 -3.33 -0.76 -29.09
N TYR B 377 -4.10 -0.57 -28.02
CA TYR B 377 -5.39 -1.23 -27.88
C TYR B 377 -6.47 -0.34 -28.49
N LYS B 378 -7.24 -0.94 -29.40
CA LYS B 378 -8.33 -0.27 -30.11
C LYS B 378 -9.64 -0.34 -29.28
N MET B 379 -9.98 0.77 -28.62
CA MET B 379 -11.13 0.76 -27.72
C MET B 379 -12.41 1.31 -28.36
N LYS B 380 -13.52 0.64 -28.11
CA LYS B 380 -14.80 1.01 -28.71
C LYS B 380 -15.46 2.14 -27.93
N TRP B 381 -15.76 3.24 -28.62
CA TRP B 381 -16.45 4.36 -28.00
C TRP B 381 -17.84 4.44 -28.61
N GLN B 382 -18.83 4.01 -27.84
CA GLN B 382 -20.20 3.83 -28.32
C GLN B 382 -21.03 5.10 -28.33
N PRO B 383 -22.05 5.16 -29.21
CA PRO B 383 -22.94 6.33 -29.25
C PRO B 383 -23.69 6.60 -27.92
N HIS B 384 -23.99 5.57 -27.13
CA HIS B 384 -24.65 5.83 -25.85
C HIS B 384 -23.69 6.47 -24.87
N SER B 385 -22.42 6.59 -25.26
CA SER B 385 -21.46 7.36 -24.48
C SER B 385 -21.24 8.73 -25.09
N TYR B 386 -20.80 8.80 -26.34
CA TYR B 386 -20.44 10.10 -26.90
C TYR B 386 -21.65 10.94 -27.30
N LEU B 387 -22.85 10.35 -27.34
CA LEU B 387 -24.07 11.16 -27.46
C LEU B 387 -24.66 11.28 -26.09
N TYR B 388 -25.28 12.42 -25.80
CA TYR B 388 -25.98 12.57 -24.54
C TYR B 388 -27.45 12.91 -24.77
N LYS B 389 -28.27 12.60 -23.79
CA LYS B 389 -29.70 12.84 -23.85
C LYS B 389 -29.96 14.33 -23.67
N LYS B 390 -30.60 14.93 -24.68
CA LYS B 390 -31.07 16.30 -24.55
C LYS B 390 -32.50 16.34 -25.03
N GLU B 391 -33.41 16.57 -24.11
CA GLU B 391 -34.83 16.43 -24.38
C GLU B 391 -35.03 15.01 -24.87
N SER B 392 -35.58 14.87 -26.07
CA SER B 392 -35.84 13.55 -26.61
C SER B 392 -34.82 13.19 -27.69
N PHE B 393 -33.76 13.98 -27.81
CA PHE B 393 -32.72 13.72 -28.80
C PHE B 393 -31.42 13.22 -28.15
N TRP B 394 -30.51 12.76 -29.00
CA TRP B 394 -29.17 12.34 -28.58
C TRP B 394 -28.13 13.19 -29.27
N CYS B 395 -27.41 14.02 -28.52
CA CYS B 395 -26.57 15.04 -29.14
C CYS B 395 -25.06 14.77 -28.97
N LYS B 396 -24.27 15.19 -29.96
CA LYS B 396 -22.84 14.90 -30.00
C LYS B 396 -22.08 15.68 -28.92
N GLY B 397 -21.48 14.96 -27.97
CA GLY B 397 -20.72 15.55 -26.89
C GLY B 397 -19.23 15.62 -27.16
N ILE B 398 -18.87 16.05 -28.36
CA ILE B 398 -17.47 16.21 -28.72
C ILE B 398 -17.27 17.62 -29.24
N GLU B 399 -16.27 18.31 -28.72
CA GLU B 399 -15.99 19.70 -29.11
C GLU B 399 -14.53 19.87 -29.51
N LYS B 400 -14.26 20.97 -30.22
CA LYS B 400 -12.91 21.45 -30.47
C LYS B 400 -12.29 21.85 -29.13
N GLN B 401 -10.98 21.70 -29.01
CA GLN B 401 -10.33 21.95 -27.75
C GLN B 401 -10.06 23.43 -27.61
N VAL B 402 -9.83 23.85 -26.38
CA VAL B 402 -9.44 25.23 -26.11
C VAL B 402 -8.04 25.24 -25.51
N ASN B 403 -7.22 26.19 -25.97
CA ASN B 403 -5.90 26.44 -25.41
C ASN B 403 -4.94 25.27 -25.57
N ASN B 404 -5.18 24.46 -26.61
CA ASN B 404 -4.39 23.26 -26.84
C ASN B 404 -4.47 22.29 -25.66
N LYS B 405 -5.69 22.08 -25.16
CA LYS B 405 -5.93 21.11 -24.09
C LYS B 405 -6.89 20.02 -24.54
N PRO B 406 -6.35 18.89 -25.00
CA PRO B 406 -7.23 17.75 -25.27
C PRO B 406 -7.71 17.05 -23.98
N ILE B 407 -9.00 16.79 -23.92
CA ILE B 407 -9.64 16.31 -22.72
C ILE B 407 -10.64 15.21 -23.04
N LEU B 408 -10.49 14.06 -22.40
CA LEU B 408 -11.51 13.01 -22.39
C LEU B 408 -12.54 13.33 -21.31
N GLY B 409 -13.74 13.78 -21.69
CA GLY B 409 -14.68 14.31 -20.70
C GLY B 409 -15.72 13.30 -20.32
N LEU B 410 -16.80 13.78 -19.71
CA LEU B 410 -17.89 12.94 -19.24
C LEU B 410 -18.52 12.06 -20.33
N THR B 411 -18.53 12.55 -21.56
CA THR B 411 -19.05 11.75 -22.67
C THR B 411 -18.09 10.57 -23.01
N PHE B 412 -16.92 10.54 -22.36
CA PHE B 412 -16.07 9.36 -22.43
C PHE B 412 -16.25 8.49 -21.17
N PHE B 413 -16.74 9.06 -20.06
CA PHE B 413 -17.01 8.29 -18.84
C PHE B 413 -18.33 7.52 -18.94
N LYS B 414 -19.31 8.14 -19.61
CA LYS B 414 -20.70 7.66 -19.55
C LYS B 414 -20.82 6.19 -19.94
N ASN B 415 -21.58 5.45 -19.14
CA ASN B 415 -21.75 3.99 -19.29
C ASN B 415 -20.45 3.21 -19.33
N ARG B 416 -19.46 3.69 -18.59
CA ARG B 416 -18.25 2.91 -18.33
C ARG B 416 -17.87 3.00 -16.86
N GLN B 417 -17.15 2.00 -16.36
CA GLN B 417 -16.38 2.19 -15.14
C GLN B 417 -15.03 2.77 -15.55
N VAL B 418 -14.72 3.94 -15.02
CA VAL B 418 -13.41 4.54 -15.24
C VAL B 418 -12.65 4.44 -13.93
N ILE B 419 -11.60 3.64 -13.97
CA ILE B 419 -10.92 3.16 -12.79
C ILE B 419 -9.56 3.81 -12.61
N PHE B 420 -9.43 4.60 -11.55
CA PHE B 420 -8.16 5.28 -11.24
C PHE B 420 -7.35 4.47 -10.24
N ASP B 421 -6.45 3.64 -10.75
CA ASP B 421 -5.61 2.77 -9.90
C ASP B 421 -4.34 3.51 -9.49
N ILE B 422 -4.42 4.21 -8.36
CA ILE B 422 -3.32 5.04 -7.87
C ILE B 422 -2.10 4.21 -7.51
N GLN B 423 -2.32 3.02 -6.97
CA GLN B 423 -1.27 2.14 -6.53
C GLN B 423 -0.38 1.70 -7.72
N LYS B 424 -1.00 1.40 -8.86
CA LYS B 424 -0.22 0.93 -10.02
C LYS B 424 -0.06 2.00 -11.13
N ASN B 425 -0.41 3.24 -10.81
CA ASN B 425 -0.24 4.37 -11.72
C ASN B 425 -0.91 4.15 -13.06
N ARG B 426 -2.13 3.64 -13.03
CA ARG B 426 -2.81 3.40 -14.27
C ARG B 426 -4.29 3.72 -14.19
N ILE B 427 -4.91 3.87 -15.35
CA ILE B 427 -6.35 4.10 -15.42
C ILE B 427 -6.99 3.00 -16.27
N GLY B 428 -8.12 2.47 -15.80
CA GLY B 428 -8.81 1.38 -16.48
C GLY B 428 -10.16 1.79 -17.07
N PHE B 429 -10.56 1.11 -18.14
CA PHE B 429 -11.86 1.37 -18.77
C PHE B 429 -12.57 0.06 -19.02
N VAL B 430 -13.88 0.01 -18.77
CA VAL B 430 -14.68 -1.17 -19.09
C VAL B 430 -16.15 -0.77 -19.19
N ASP B 431 -16.87 -1.32 -20.16
CA ASP B 431 -18.29 -1.00 -20.32
C ASP B 431 -19.09 -1.49 -19.12
N ALA B 432 -20.01 -0.67 -18.64
CA ALA B 432 -20.71 -1.02 -17.42
C ALA B 432 -22.14 -0.52 -17.38
N ASN B 433 -22.99 -1.26 -16.68
CA ASN B 433 -24.30 -0.77 -16.23
C ASN B 433 -24.11 -0.02 -14.92
N CYS B 434 -23.89 1.29 -15.02
CA CYS B 434 -23.68 2.14 -13.87
C CYS B 434 -25.00 2.38 -13.20
N PRO B 435 -24.99 2.58 -11.88
CA PRO B 435 -26.23 2.95 -11.16
C PRO B 435 -26.75 4.31 -11.62
N SER B 436 -28.06 4.54 -11.48
CA SER B 436 -28.70 5.82 -11.83
C SER B 436 -29.32 6.51 -10.62
N HIS B 437 -29.23 7.83 -10.56
CA HIS B 437 -29.94 8.61 -9.55
C HIS B 437 -30.40 9.92 -10.20
N PRO B 438 -31.69 10.25 -10.05
CA PRO B 438 -32.68 9.41 -9.38
C PRO B 438 -33.21 8.29 -10.28
C10 4PK C . 19.75 -10.46 27.78
C02 4PK C . 15.79 -11.22 26.52
O03 4PK C . 17.01 -11.61 26.95
C04 4PK C . 17.33 -11.02 28.22
C05 4PK C . 18.45 -10.02 28.05
C06 4PK C . 18.18 -8.64 28.18
C07 4PK C . 19.22 -7.70 28.04
C08 4PK C . 20.53 -8.15 27.75
C09 4PK C . 20.80 -9.53 27.63
O11 4PK C . 14.85 -11.13 27.30
N01 4PK C . 15.60 -10.91 25.20
C12 4PK C . 14.27 -10.50 24.74
C13 4PK C . 14.38 -9.56 23.53
C14 4PK C . 15.36 -8.41 23.78
C20 4PK C . 13.48 -11.71 24.16
O15 4PK C . 14.85 -7.65 24.87
N16 4PK C . 13.51 -7.29 24.70
C17 4PK C . 13.24 -5.99 24.49
N18 4PK C . 14.24 -5.08 24.45
N19 4PK C . 11.98 -5.57 24.35
O21 4PK C . 14.02 -12.74 23.74
N22 4PK C . 12.12 -11.63 24.13
C23 4PK C . 11.28 -12.67 23.56
C27 4PK C . 10.14 -11.85 22.90
O28 4PK C . 9.17 -11.46 23.55
C24 4PK C . 10.73 -13.63 24.62
C26 4PK C . 10.13 -14.80 23.80
C25 4PK C . 11.86 -14.14 25.54
N29 4PK C . 10.24 -11.53 21.57
C30 4PK C . 9.21 -10.71 20.92
C31 4PK C . 9.88 -9.42 20.40
C32 4PK C . 10.61 -8.64 21.50
C33 4PK C . 11.42 -7.49 20.88
C34 4PK C . 9.62 -8.06 22.53
C35 4PK C . 8.62 -11.47 19.71
O36 4PK C . 9.71 -11.98 18.94
C37 4PK C . 7.70 -12.61 20.18
C38 4PK C . 6.32 -12.04 20.60
O39 4PK C . 6.03 -11.91 21.80
C43 4PK C . 3.23 -13.36 19.43
C44 4PK C . 2.66 -13.87 20.61
C45 4PK C . 2.85 -15.22 20.92
C46 4PK C . 3.60 -16.05 20.08
C47 4PK C . 4.17 -15.53 18.90
C48 4PK C . 3.99 -14.18 18.59
C42 4PK C . 3.04 -11.88 19.10
C41 4PK C . 4.09 -11.15 19.97
N40 4PK C . 5.41 -11.69 19.63
S SO4 D . 7.22 -26.74 29.78
O1 SO4 D . 8.64 -26.39 29.72
O2 SO4 D . 6.44 -25.81 28.96
O3 SO4 D . 7.05 -28.09 29.29
O4 SO4 D . 6.76 -26.62 31.16
S SO4 E . 30.14 -0.89 9.12
O1 SO4 E . 31.25 -0.08 9.62
O2 SO4 E . 28.89 -0.45 9.74
O3 SO4 E . 30.04 -0.76 7.67
O4 SO4 E . 30.41 -2.29 9.47
S SO4 F . 14.49 -25.03 -4.94
O1 SO4 F . 15.45 -23.96 -4.64
O2 SO4 F . 13.19 -24.47 -5.31
O3 SO4 F . 14.99 -25.83 -6.04
O4 SO4 F . 14.34 -25.89 -3.77
C1 EDO G . 0.42 -11.12 15.25
O1 EDO G . -0.63 -10.36 14.63
C2 EDO G . 0.97 -10.45 16.50
O2 EDO G . 1.86 -9.36 16.18
C1 EDO H . 37.61 -22.75 35.50
O1 EDO H . 36.31 -22.30 35.87
C2 EDO H . 37.55 -24.24 35.23
O2 EDO H . 38.73 -24.91 35.69
C1 EDO I . -2.01 -9.28 10.31
O1 EDO I . -2.35 -8.60 9.11
C2 EDO I . -1.81 -8.26 11.43
O2 EDO I . -3.06 -7.68 11.82
C1 EDO J . 14.45 -19.96 -3.42
O1 EDO J . 13.12 -20.48 -3.63
C2 EDO J . 14.45 -18.50 -3.80
O2 EDO J . 15.56 -17.86 -3.14
C10 4PK K . -23.37 24.72 -19.36
C02 4PK K . -19.39 23.38 -19.84
O03 4PK K . -20.43 23.08 -20.64
C04 4PK K . -21.31 24.21 -20.72
C05 4PK K . -22.73 23.90 -20.30
C06 4PK K . -23.43 22.81 -20.84
C07 4PK K . -24.75 22.56 -20.42
C08 4PK K . -25.39 23.37 -19.48
C09 4PK K . -24.69 24.46 -18.94
O11 4PK K . -18.63 24.29 -20.13
N01 4PK K . -19.18 22.66 -18.68
C12 4PK K . -18.05 23.01 -17.82
C13 4PK K . -18.23 22.30 -16.45
C14 4PK K . -19.57 22.68 -15.78
C20 4PK K . -16.71 22.42 -18.30
O15 4PK K . -19.82 24.07 -15.96
N16 4PK K . -18.87 24.83 -15.27
C17 4PK K . -19.11 25.24 -14.01
N18 4PK K . -20.27 24.91 -13.40
N19 4PK K . -18.18 25.98 -13.40
O21 4PK K . -16.63 21.43 -19.01
N22 4PK K . -15.56 23.04 -17.86
C23 4PK K . -14.24 22.51 -18.19
C27 4PK K . -13.40 22.84 -16.93
O28 4PK K . -12.80 23.91 -16.81
C24 4PK K . -13.62 23.04 -19.49
C26 4PK K . -12.42 22.09 -19.73
C25 4PK K . -14.59 22.89 -20.69
N29 4PK K . -13.41 21.92 -15.91
C30 4PK K . -12.69 22.14 -14.64
C31 4PK K . -13.67 21.86 -13.48
C32 4PK K . -14.97 22.66 -13.64
C33 4PK K . -15.93 22.26 -12.52
C34 4PK K . -14.69 24.19 -13.58
C35 4PK K . -11.56 21.11 -14.48
O36 4PK K . -12.10 19.83 -14.79
C37 4PK K . -10.33 21.45 -15.37
C38 4PK K . -9.43 22.55 -14.74
O39 4PK K . -9.56 23.72 -15.08
C43 4PK K . -5.74 22.42 -14.74
C44 4PK K . -6.00 22.08 -16.08
C45 4PK K . -5.37 20.98 -16.64
C46 4PK K . -4.49 20.19 -15.89
C47 4PK K . -4.23 20.52 -14.55
C48 4PK K . -4.86 21.65 -13.98
C42 4PK K . -6.43 23.65 -14.12
C41 4PK K . -7.60 23.25 -13.20
N40 4PK K . -8.46 22.22 -13.80
S SO4 L . -4.63 22.18 -9.51
O1 SO4 L . -4.35 23.39 -10.30
O2 SO4 L . -3.82 22.25 -8.29
O3 SO4 L . -4.24 21.00 -10.28
O4 SO4 L . -6.05 22.14 -9.16
S SO4 M . -6.23 23.22 -31.89
O1 SO4 M . -5.79 24.34 -32.72
O2 SO4 M . -5.68 23.38 -30.55
O3 SO4 M . -5.75 21.98 -32.47
O4 SO4 M . -7.71 23.23 -31.81
S SO4 N . -32.15 7.94 -5.40
O1 SO4 N . -31.27 9.05 -5.77
O2 SO4 N . -33.37 8.49 -4.84
O3 SO4 N . -32.48 7.15 -6.60
O4 SO4 N . -31.49 7.09 -4.42
S SO4 O . -5.20 -7.07 -13.46
O1 SO4 O . -4.16 -6.38 -14.22
O2 SO4 O . -5.36 -6.44 -12.15
O3 SO4 O . -6.47 -7.02 -14.18
O4 SO4 O . -4.81 -8.46 -13.28
C1 EDO P . -0.83 19.47 -5.11
O1 EDO P . -1.09 18.66 -3.96
C2 EDO P . -1.65 20.76 -5.08
O2 EDO P . -1.26 21.63 -4.01
C1 EDO Q . -12.92 -7.89 -15.43
O1 EDO Q . -13.36 -8.84 -16.41
C2 EDO Q . -11.39 -7.96 -15.27
O2 EDO Q . -10.73 -7.63 -16.51
C1 4PF R . 5.21 31.58 0.62
O1 4PF R . 5.34 32.91 1.12
C2 4PF R . 4.54 33.19 2.28
C3 4PF R . 4.78 34.63 2.73
O2 4PF R . 3.98 35.02 3.87
C4 4PF R . 4.54 36.18 4.52
C5 4PF R . 4.59 36.00 6.03
C6 4PF R . 3.86 37.48 4.09
O3 4PF R . 3.76 38.48 5.12
C7 4PF R . 2.44 39.02 5.26
C8 4PF R . 2.27 39.86 6.53
C9 4PF R . 3.48 40.76 6.73
N1 4PF R . 1.06 40.68 6.47
#